data_3I7L
#
_entry.id   3I7L
#
_cell.length_a   63.780
_cell.length_b   134.149
_cell.length_c   182.561
_cell.angle_alpha   90.00
_cell.angle_beta   90.00
_cell.angle_gamma   90.00
#
_symmetry.space_group_name_H-M   'P 21 21 21'
#
loop_
_entity.id
_entity.type
_entity.pdbx_description
1 polymer 'DNA damage-binding protein 1'
2 polymer 'DNA damage-binding protein 2'
#
loop_
_entity_poly.entity_id
_entity_poly.type
_entity_poly.pdbx_seq_one_letter_code
_entity_poly.pdbx_strand_id
1 'polypeptide(L)'
;GSHMSYNYVVTAQKPTAVNGCVTGHFTSAEDLNLLIAKNTRLEIYVVTAEGLRPVKEVGMYGKIAVMELFRPKGESKDLL
FILTAKYNACILEYKQSGESIDIITRAHGNVQDRIGRPSETGIIGIIDPECRMIGLRLYDGLFKVIPLDRDNKELKAFNI
RLEELHVIDVKFLYGCQAPTICFVYQDPQGRHVKTYEVSLREKEFNKGPWKQENVEAEASMVIAVPEPFGGAIIIGQESI
TYHNGDKYLAIAPPIIKQSTIVCHNRVDPNGSRYLLGDMEGRLFMLLLEKEEQMDGTVTLKDLRVELLGETSIAECLTYL
DNGVVFVGSRLGDSQLVKLNVDSNEQGSYVVAMETFTNLGPIVDMCVVDLERQGQGQLVTCSGAFKEGSLRIIRNGIGIH
EHASIDLPGIKGLWPLRSDPNRETYDTLVLSFVGQTRVLMLNGEEVEETELMGFVDDQQTFFCGNVAHQQLIQITSASVR
LVSQEPKALVSEWKEPQAKNISVASCNSSQVVVAVGRALYYLQIHPQELRQISHTEMEHEVACLDITPLGDSNGLSPLCA
IGLWTDISARILKLPSFELLHKEMLGGEIIPRSILMTTFESSHYLLCALGDGALFYFGLNIETGLLSDRKKVTLGTQPTV
LRTFRSLSTTNVFACSDRPTVIYSSNHKLVFSNVNLKEVNYMCPLNSDGYPDSLALANNSTLTIGTIDEIQKLHIRTVPL
YESPRKICYQEVSQCFGVLSSRIEVQDTSGGTTALRPSASTQALSSSVSSSKLFSSSTAPHETSFGEEVEVHNLLIIDQH
TFEVLHAHQFLQNEYALSLVSCKLGKDPNTYFIVGTAMVYPEEAEPKQGRIVVFQYSDGKLQTVAEKEVKGAVYSMVEFN
GKLLASINSTVRLYEWTTEKDVRTECNHYNNIMALYLKTKGDFILVGDLMRSVLLLAYKPMEGNFEEIARDFNPNWMSAV
EILDDDNFLGAENAFNLFVCQKDSAATTDEERQHLQEVGLFHLGEFVNVFCHGSLVMQNLGETSTPTQGSVLFGTVNGMI
GLVTSLSESWYNLLLDMQNRLNKVIKSVGKIEHSFWRSFHTERKTEPATGFIDGDLIESFLDISRPKMQEVVANLQYDDG
SGMKREATADDLIKVVEELTRIH
;
A
2 'polypeptide(L)' SIVRTLHQHKLGRA B
#
# COMPACT_ATOMS: atom_id res chain seq x y z
N MET A 4 28.50 11.22 11.52
CA MET A 4 28.03 12.59 11.12
C MET A 4 27.10 12.61 9.88
N SER A 5 26.33 11.54 9.69
CA SER A 5 25.36 11.43 8.58
C SER A 5 23.93 11.63 9.06
N TYR A 6 23.16 12.46 8.34
CA TYR A 6 21.76 12.76 8.74
C TYR A 6 20.71 12.45 7.67
N ASN A 7 19.91 11.42 7.93
CA ASN A 7 18.96 10.88 6.97
C ASN A 7 17.56 10.70 7.53
N TYR A 8 16.60 10.47 6.64
CA TYR A 8 15.17 10.46 6.96
C TYR A 8 14.40 9.47 6.04
N VAL A 9 13.75 8.47 6.66
CA VAL A 9 12.94 7.54 5.91
C VAL A 9 11.48 7.65 6.26
N VAL A 10 10.65 7.86 5.22
CA VAL A 10 9.17 7.75 5.35
C VAL A 10 8.52 6.70 4.42
N THR A 11 7.41 6.13 4.86
CA THR A 11 6.64 5.27 4.00
C THR A 11 5.75 6.10 3.09
N ALA A 12 5.69 5.67 1.83
CA ALA A 12 4.94 6.36 0.83
C ALA A 12 3.68 5.54 0.58
N GLN A 13 3.87 4.22 0.57
CA GLN A 13 2.81 3.27 0.36
C GLN A 13 3.06 2.20 1.36
N LYS A 14 2.04 1.81 2.12
CA LYS A 14 2.18 0.70 3.05
C LYS A 14 2.42 -0.64 2.34
N PRO A 15 3.00 -1.64 3.08
CA PRO A 15 3.07 -3.01 2.56
C PRO A 15 1.68 -3.51 2.17
N THR A 16 1.59 -4.11 0.99
CA THR A 16 0.33 -4.55 0.46
C THR A 16 0.32 -6.02 0.28
N ALA A 17 1.48 -6.64 0.28
CA ALA A 17 1.54 -8.10 0.28
C ALA A 17 0.98 -8.67 1.62
N VAL A 18 0.22 -9.76 1.58
CA VAL A 18 -0.43 -10.34 2.75
C VAL A 18 0.42 -11.47 3.23
N ASN A 19 0.77 -11.47 4.51
CA ASN A 19 1.73 -12.42 5.04
C ASN A 19 1.08 -13.50 5.88
N GLY A 20 -0.12 -13.22 6.38
CA GLY A 20 -0.84 -14.13 7.31
C GLY A 20 -2.30 -13.71 7.38
N CYS A 21 -3.18 -14.61 7.80
CA CYS A 21 -4.58 -14.24 7.89
C CYS A 21 -5.29 -15.30 8.68
N VAL A 22 -6.00 -14.85 9.71
CA VAL A 22 -6.67 -15.74 10.67
C VAL A 22 -8.12 -15.27 10.83
N THR A 23 -8.99 -16.23 11.15
CA THR A 23 -10.40 -15.99 11.34
C THR A 23 -10.88 -16.37 12.77
N GLY A 24 -11.86 -15.64 13.29
CA GLY A 24 -12.37 -15.89 14.67
C GLY A 24 -13.16 -14.72 15.28
N HIS A 25 -13.16 -14.68 16.63
CA HIS A 25 -14.13 -13.92 17.43
C HIS A 25 -13.43 -13.02 18.39
N PHE A 26 -12.91 -11.94 17.85
CA PHE A 26 -11.90 -11.15 18.51
C PHE A 26 -12.49 -9.81 18.90
N THR A 27 -13.38 -9.32 18.06
CA THR A 27 -14.12 -8.10 18.28
C THR A 27 -15.18 -8.34 19.36
N SER A 28 -15.91 -9.44 19.22
CA SER A 28 -16.81 -10.01 20.24
C SER A 28 -17.10 -11.48 19.92
N ALA A 29 -17.87 -12.16 20.76
CA ALA A 29 -18.20 -13.60 20.53
C ALA A 29 -19.31 -13.79 19.48
N GLU A 30 -20.35 -12.98 19.56
CA GLU A 30 -21.28 -12.83 18.46
C GLU A 30 -20.57 -11.83 17.59
N ASP A 31 -19.92 -12.34 16.55
CA ASP A 31 -19.05 -11.59 15.61
C ASP A 31 -18.08 -12.57 14.99
N LEU A 32 -17.90 -12.48 13.67
CA LEU A 32 -16.90 -13.28 12.98
C LEU A 32 -15.91 -12.37 12.28
N ASN A 33 -14.67 -12.44 12.72
CA ASN A 33 -13.62 -11.52 12.24
C ASN A 33 -12.69 -12.16 11.24
N LEU A 34 -11.97 -11.29 10.52
CA LEU A 34 -10.84 -11.72 9.73
C LEU A 34 -9.69 -10.78 9.99
N LEU A 35 -8.60 -11.32 10.54
CA LEU A 35 -7.39 -10.53 10.74
C LEU A 35 -6.43 -10.77 9.60
N ILE A 36 -6.11 -9.70 8.89
CA ILE A 36 -5.12 -9.79 7.81
C ILE A 36 -3.78 -9.24 8.28
N ALA A 37 -2.74 -10.07 8.28
CA ALA A 37 -1.41 -9.53 8.56
C ALA A 37 -0.72 -9.12 7.27
N LYS A 38 -0.18 -7.92 7.28
CA LYS A 38 0.63 -7.53 6.18
C LYS A 38 2.05 -7.73 6.66
N ASN A 39 2.72 -6.71 7.15
CA ASN A 39 4.07 -6.97 7.65
C ASN A 39 4.13 -6.42 9.08
N THR A 40 4.23 -5.10 9.14
CA THR A 40 4.25 -4.36 10.36
C THR A 40 2.82 -3.87 10.70
N ARG A 41 1.88 -4.16 9.81
CA ARG A 41 0.46 -3.74 9.93
C ARG A 41 -0.48 -4.92 10.21
N LEU A 42 -1.55 -4.64 10.95
CA LEU A 42 -2.54 -5.63 11.31
C LEU A 42 -3.90 -5.12 10.90
N GLU A 43 -4.69 -5.91 10.15
CA GLU A 43 -6.01 -5.45 9.64
C GLU A 43 -7.13 -6.26 10.21
N ILE A 44 -8.06 -5.58 10.87
CA ILE A 44 -9.21 -6.21 11.52
C ILE A 44 -10.51 -5.83 10.80
N TYR A 45 -11.20 -6.84 10.23
CA TYR A 45 -12.50 -6.70 9.55
C TYR A 45 -13.54 -7.56 10.26
N VAL A 46 -14.83 -7.22 10.08
CA VAL A 46 -15.93 -8.10 10.46
C VAL A 46 -16.58 -8.68 9.23
N VAL A 47 -16.68 -10.00 9.19
CA VAL A 47 -17.35 -10.68 8.07
C VAL A 47 -18.81 -10.30 7.96
N THR A 48 -19.23 -9.79 6.81
CA THR A 48 -20.63 -9.47 6.59
C THR A 48 -21.17 -10.24 5.40
N ALA A 49 -22.49 -10.35 5.33
CA ALA A 49 -23.21 -10.86 4.15
C ALA A 49 -22.62 -10.35 2.83
N GLU A 50 -22.21 -9.09 2.78
CA GLU A 50 -21.61 -8.51 1.58
C GLU A 50 -20.09 -8.82 1.40
N GLY A 51 -19.33 -8.74 2.48
CA GLY A 51 -17.86 -8.93 2.44
C GLY A 51 -17.19 -8.63 3.77
N LEU A 52 -16.40 -7.57 3.82
CA LEU A 52 -15.66 -7.25 5.04
C LEU A 52 -16.01 -5.86 5.60
N ARG A 53 -16.33 -5.80 6.89
CA ARG A 53 -16.48 -4.49 7.54
C ARG A 53 -15.13 -4.06 8.09
N PRO A 54 -14.50 -3.09 7.43
CA PRO A 54 -13.31 -2.55 8.07
C PRO A 54 -13.64 -2.05 9.48
N VAL A 55 -12.99 -2.64 10.48
CA VAL A 55 -13.06 -2.12 11.85
C VAL A 55 -11.74 -1.52 12.39
N LYS A 56 -10.63 -2.25 12.38
CA LYS A 56 -9.39 -1.67 12.94
C LYS A 56 -8.07 -2.06 12.27
N GLU A 57 -7.27 -1.04 11.95
CA GLU A 57 -5.95 -1.23 11.42
C GLU A 57 -5.00 -0.49 12.33
N VAL A 58 -4.01 -1.18 12.88
CA VAL A 58 -2.91 -0.55 13.62
C VAL A 58 -1.57 -0.88 12.98
N GLY A 59 -0.49 -0.35 13.55
CA GLY A 59 0.86 -0.77 13.23
C GLY A 59 1.51 -1.46 14.41
N MET A 60 2.45 -2.36 14.11
CA MET A 60 3.32 -2.95 15.12
C MET A 60 4.77 -2.46 14.86
N TYR A 61 5.62 -2.56 15.88
CA TYR A 61 7.04 -2.22 15.78
C TYR A 61 7.91 -3.46 15.57
N GLY A 62 7.61 -4.18 14.49
CA GLY A 62 8.23 -5.45 14.14
C GLY A 62 7.39 -6.08 13.05
N LYS A 63 8.00 -7.02 12.33
CA LYS A 63 7.36 -7.87 11.33
C LYS A 63 6.54 -9.00 11.99
N ILE A 64 5.22 -9.04 11.76
CA ILE A 64 4.41 -10.15 12.27
C ILE A 64 4.79 -11.52 11.65
N ALA A 65 5.22 -12.44 12.49
CA ALA A 65 5.77 -13.71 12.03
C ALA A 65 4.92 -14.91 12.46
N VAL A 66 4.22 -14.77 13.59
CA VAL A 66 3.17 -15.74 13.99
C VAL A 66 1.93 -14.96 14.40
N MET A 67 0.77 -15.41 13.94
CA MET A 67 -0.48 -14.74 14.33
C MET A 67 -1.58 -15.77 14.48
N GLU A 68 -1.98 -16.00 15.73
CA GLU A 68 -2.98 -16.98 16.05
C GLU A 68 -3.95 -16.46 17.09
N LEU A 69 -5.20 -16.89 16.97
CA LEU A 69 -6.26 -16.55 17.92
C LEU A 69 -6.49 -17.76 18.84
N PHE A 70 -6.82 -17.47 20.10
CA PHE A 70 -7.05 -18.51 21.12
C PHE A 70 -8.01 -18.02 22.18
N ARG A 71 -8.54 -18.99 22.95
CA ARG A 71 -9.49 -18.76 24.03
C ARG A 71 -9.03 -19.45 25.30
N PRO A 72 -8.42 -18.69 26.23
CA PRO A 72 -8.06 -19.22 27.53
C PRO A 72 -9.30 -19.40 28.40
N LYS A 73 -9.18 -20.28 29.40
CA LYS A 73 -10.24 -20.56 30.37
C LYS A 73 -11.04 -19.34 30.79
N GLY A 74 -12.36 -19.43 30.63
CA GLY A 74 -13.26 -18.36 31.00
C GLY A 74 -12.82 -17.02 30.45
N GLU A 75 -13.00 -16.87 29.14
CA GLU A 75 -12.83 -15.61 28.44
C GLU A 75 -14.00 -15.51 27.47
N SER A 76 -14.68 -14.37 27.48
CA SER A 76 -15.85 -14.18 26.60
C SER A 76 -15.51 -14.20 25.10
N LYS A 77 -14.39 -13.56 24.74
CA LYS A 77 -13.95 -13.46 23.35
C LYS A 77 -12.50 -13.95 23.21
N ASP A 78 -12.01 -14.03 21.98
CA ASP A 78 -10.69 -14.55 21.68
C ASP A 78 -9.61 -13.57 22.09
N LEU A 79 -8.40 -14.09 22.24
CA LEU A 79 -7.25 -13.23 22.37
C LEU A 79 -6.34 -13.44 21.19
N LEU A 80 -5.47 -12.46 20.99
CA LEU A 80 -4.59 -12.48 19.81
C LEU A 80 -3.15 -12.72 20.23
N PHE A 81 -2.57 -13.79 19.70
CA PHE A 81 -1.16 -14.02 19.93
C PHE A 81 -0.33 -13.59 18.73
N ILE A 82 0.76 -12.88 19.01
CA ILE A 82 1.61 -12.36 17.97
C ILE A 82 3.07 -12.46 18.38
N LEU A 83 3.90 -12.78 17.41
CA LEU A 83 5.31 -12.95 17.63
C LEU A 83 6.04 -12.23 16.49
N THR A 84 6.94 -11.31 16.80
CA THR A 84 7.60 -10.61 15.72
C THR A 84 8.85 -11.38 15.37
N ALA A 85 9.46 -11.06 14.24
CA ALA A 85 10.69 -11.70 13.82
C ALA A 85 11.91 -11.39 14.71
N LYS A 86 11.84 -10.33 15.52
CA LYS A 86 12.93 -10.06 16.44
C LYS A 86 12.62 -10.67 17.78
N TYR A 87 11.57 -11.49 17.81
CA TYR A 87 11.21 -12.34 18.97
C TYR A 87 10.43 -11.60 20.09
N ASN A 88 9.67 -10.55 19.71
CA ASN A 88 8.69 -9.91 20.58
C ASN A 88 7.40 -10.69 20.58
N ALA A 89 7.02 -11.18 21.74
CA ALA A 89 5.80 -11.93 21.88
C ALA A 89 4.90 -11.04 22.65
N CYS A 90 3.61 -11.06 22.33
CA CYS A 90 2.57 -10.42 23.19
C CYS A 90 1.21 -11.05 22.94
N ILE A 91 0.37 -11.08 23.96
CA ILE A 91 -1.04 -11.37 23.80
C ILE A 91 -1.83 -10.05 23.68
N LEU A 92 -2.69 -9.96 22.68
CA LEU A 92 -3.41 -8.73 22.45
C LEU A 92 -4.91 -8.94 22.60
N GLU A 93 -5.60 -7.86 23.01
CA GLU A 93 -7.05 -7.87 23.22
C GLU A 93 -7.76 -6.70 22.55
N TYR A 94 -8.97 -6.99 22.09
CA TYR A 94 -9.82 -5.97 21.48
C TYR A 94 -10.79 -5.37 22.49
N LYS A 95 -10.67 -4.07 22.72
CA LYS A 95 -11.52 -3.36 23.70
C LYS A 95 -12.15 -2.15 23.06
N GLN A 96 -13.49 -2.09 23.11
CA GLN A 96 -14.21 -1.05 22.36
C GLN A 96 -14.52 0.23 23.15
N SER A 97 -14.79 0.10 24.44
CA SER A 97 -15.12 1.25 25.29
C SER A 97 -15.16 2.59 24.55
N GLY A 98 -16.37 3.13 24.37
CA GLY A 98 -16.58 4.48 23.86
C GLY A 98 -17.02 4.20 22.43
N GLU A 99 -16.73 5.14 21.55
CA GLU A 99 -16.85 4.90 20.12
C GLU A 99 -15.45 4.84 19.54
N SER A 100 -14.47 4.85 20.44
CA SER A 100 -13.07 4.76 20.09
C SER A 100 -12.54 3.37 20.46
N ILE A 101 -11.79 2.77 19.53
CA ILE A 101 -11.28 1.40 19.70
C ILE A 101 -9.84 1.34 20.19
N ASP A 102 -9.54 0.37 21.05
CA ASP A 102 -8.19 0.20 21.56
C ASP A 102 -7.74 -1.24 21.61
N ILE A 103 -6.53 -1.48 21.13
CA ILE A 103 -5.96 -2.82 21.09
C ILE A 103 -4.91 -3.01 22.18
N ILE A 104 -5.34 -3.63 23.27
CA ILE A 104 -4.54 -3.64 24.49
C ILE A 104 -3.68 -4.90 24.65
N THR A 105 -2.53 -4.69 25.27
CA THR A 105 -1.57 -5.73 25.59
C THR A 105 -1.89 -6.33 26.95
N ARG A 106 -2.43 -7.53 26.91
CA ARG A 106 -2.61 -8.36 28.06
C ARG A 106 -1.28 -8.79 28.65
N ALA A 107 -0.31 -9.13 27.77
CA ALA A 107 1.00 -9.64 28.20
C ALA A 107 2.03 -9.59 27.10
N HIS A 108 3.31 -9.50 27.48
CA HIS A 108 4.39 -9.34 26.52
C HIS A 108 5.76 -9.73 27.10
N GLY A 109 6.74 -9.92 26.23
CA GLY A 109 8.09 -10.24 26.61
C GLY A 109 8.86 -10.63 25.37
N ASN A 110 10.19 -10.58 25.43
CA ASN A 110 11.01 -11.04 24.32
C ASN A 110 11.54 -12.44 24.54
N VAL A 111 11.23 -13.35 23.64
CA VAL A 111 11.55 -14.75 23.83
C VAL A 111 12.71 -15.25 23.00
N GLN A 112 13.75 -14.45 22.92
CA GLN A 112 14.89 -14.73 22.09
C GLN A 112 16.04 -15.24 22.89
N ASP A 113 16.78 -16.17 22.35
CA ASP A 113 17.77 -16.83 23.19
C ASP A 113 19.14 -16.44 22.68
N ARG A 114 20.15 -16.41 23.54
CA ARG A 114 21.51 -16.24 23.05
C ARG A 114 21.98 -17.50 22.30
N ILE A 115 21.85 -18.67 22.93
CA ILE A 115 22.10 -19.93 22.20
C ILE A 115 20.98 -20.19 21.20
N GLY A 116 21.32 -20.10 19.93
CA GLY A 116 20.32 -20.34 18.85
C GLY A 116 20.70 -20.07 17.38
N ARG A 117 20.56 -21.12 16.55
CA ARG A 117 20.70 -21.02 15.09
C ARG A 117 19.33 -21.10 14.41
N PRO A 118 18.79 -19.93 13.95
CA PRO A 118 17.45 -19.76 13.37
C PRO A 118 17.19 -20.84 12.34
N SER A 119 16.35 -21.84 12.64
CA SER A 119 16.23 -23.00 11.75
C SER A 119 15.82 -22.68 10.32
N GLU A 120 15.94 -23.67 9.44
CA GLU A 120 15.37 -23.60 8.10
C GLU A 120 13.85 -23.71 8.29
N THR A 121 13.09 -23.15 7.36
CA THR A 121 11.63 -22.99 7.51
C THR A 121 11.18 -22.02 8.60
N GLY A 122 12.10 -21.17 9.08
CA GLY A 122 11.82 -20.09 10.04
C GLY A 122 11.02 -20.42 11.30
N ILE A 123 10.32 -19.42 11.82
CA ILE A 123 9.60 -19.50 13.10
C ILE A 123 8.24 -20.20 12.98
N ILE A 124 7.95 -21.13 13.86
CA ILE A 124 6.63 -21.72 13.87
C ILE A 124 6.06 -21.44 15.25
N GLY A 125 4.84 -20.92 15.29
CA GLY A 125 4.22 -20.68 16.57
C GLY A 125 2.94 -21.47 16.65
N ILE A 126 2.89 -22.46 17.52
CA ILE A 126 1.64 -23.17 17.68
C ILE A 126 1.06 -23.04 19.09
N ILE A 127 -0.27 -23.16 19.18
CA ILE A 127 -1.00 -23.24 20.46
C ILE A 127 -1.80 -24.53 20.60
N ASP A 128 -1.64 -25.17 21.75
CA ASP A 128 -2.31 -26.43 22.05
C ASP A 128 -3.82 -26.21 22.21
N PRO A 129 -4.61 -27.25 21.85
CA PRO A 129 -6.08 -27.15 21.85
C PRO A 129 -6.77 -26.78 23.20
N GLU A 130 -6.13 -27.12 24.33
CA GLU A 130 -6.70 -26.80 25.63
C GLU A 130 -6.18 -25.46 26.19
N CYS A 131 -5.31 -24.81 25.44
CA CYS A 131 -4.70 -23.54 25.82
C CYS A 131 -3.82 -23.58 27.09
N ARG A 132 -3.19 -24.72 27.32
CA ARG A 132 -2.26 -24.85 28.43
C ARG A 132 -0.94 -24.15 28.06
N MET A 133 -0.60 -24.16 26.77
CA MET A 133 0.71 -23.69 26.36
C MET A 133 0.80 -23.21 24.91
N ILE A 134 1.83 -22.44 24.65
CA ILE A 134 2.18 -22.05 23.31
C ILE A 134 3.54 -22.68 22.99
N GLY A 135 3.61 -23.34 21.84
CA GLY A 135 4.83 -23.97 21.39
C GLY A 135 5.50 -23.13 20.32
N LEU A 136 6.81 -22.99 20.47
CA LEU A 136 7.61 -22.11 19.64
C LEU A 136 8.77 -22.93 19.11
N ARG A 137 8.99 -22.92 17.80
CA ARG A 137 10.19 -23.48 17.24
C ARG A 137 10.97 -22.36 16.61
N LEU A 138 11.93 -21.80 17.36
CA LEU A 138 12.73 -20.69 16.85
C LEU A 138 14.04 -21.23 16.27
N TYR A 139 14.75 -22.02 17.07
CA TYR A 139 16.03 -22.55 16.61
C TYR A 139 16.11 -24.08 16.53
N ASP A 140 17.05 -24.57 15.74
CA ASP A 140 17.31 -26.01 15.71
C ASP A 140 17.69 -26.58 17.07
N GLY A 141 17.18 -27.77 17.39
CA GLY A 141 17.56 -28.52 18.59
C GLY A 141 16.85 -28.08 19.85
N LEU A 142 16.05 -27.03 19.74
CA LEU A 142 15.33 -26.55 20.89
C LEU A 142 13.87 -26.42 20.52
N PHE A 143 13.01 -26.63 21.52
CA PHE A 143 11.60 -26.32 21.45
C PHE A 143 11.35 -25.40 22.63
N LYS A 144 10.75 -24.24 22.40
CA LYS A 144 10.47 -23.31 23.50
C LYS A 144 9.01 -23.39 23.91
N VAL A 145 8.69 -23.07 25.15
CA VAL A 145 7.34 -23.26 25.66
C VAL A 145 6.92 -22.12 26.60
N ILE A 146 5.90 -21.36 26.20
CA ILE A 146 5.32 -20.30 27.04
C ILE A 146 3.99 -20.72 27.66
N PRO A 147 3.98 -21.13 28.94
CA PRO A 147 2.78 -21.65 29.65
C PRO A 147 1.71 -20.57 29.84
N LEU A 148 0.47 -20.92 29.57
CA LEU A 148 -0.62 -19.94 29.52
C LEU A 148 -1.45 -19.82 30.79
N ASP A 149 -0.79 -19.84 31.95
CA ASP A 149 -1.50 -19.57 33.20
C ASP A 149 -1.63 -18.08 33.46
N ARG A 150 -2.82 -17.70 33.93
CA ARG A 150 -3.27 -16.31 34.10
C ARG A 150 -2.28 -15.37 34.76
N ASP A 151 -1.26 -15.90 35.43
CA ASP A 151 -0.13 -15.07 35.83
C ASP A 151 0.72 -14.82 34.57
N ASN A 152 2.03 -14.91 34.70
CA ASN A 152 2.92 -14.93 33.54
C ASN A 152 2.69 -13.79 32.54
N LYS A 153 2.39 -12.59 33.04
CA LYS A 153 2.12 -11.43 32.18
C LYS A 153 3.39 -11.02 31.42
N GLU A 154 4.53 -11.38 32.02
CA GLU A 154 5.84 -11.21 31.41
C GLU A 154 6.22 -12.34 30.40
N LEU A 155 5.41 -13.38 30.34
CA LEU A 155 5.53 -14.46 29.35
C LEU A 155 6.84 -15.26 29.45
N LYS A 156 7.21 -15.66 30.66
CA LYS A 156 8.42 -16.44 30.88
C LYS A 156 8.33 -17.77 30.11
N ALA A 157 9.45 -18.27 29.64
CA ALA A 157 9.48 -19.52 28.89
C ALA A 157 10.61 -20.46 29.34
N PHE A 158 10.39 -21.76 29.17
CA PHE A 158 11.50 -22.71 29.18
C PHE A 158 11.70 -23.36 27.78
N ASN A 159 12.92 -23.83 27.54
CA ASN A 159 13.22 -24.61 26.35
C ASN A 159 13.31 -26.11 26.70
N ILE A 160 13.10 -26.99 25.73
CA ILE A 160 13.20 -28.42 25.97
C ILE A 160 14.04 -29.11 24.89
N ARG A 161 15.34 -29.33 25.12
CA ARG A 161 16.20 -29.91 24.07
C ARG A 161 15.50 -30.96 23.20
N LEU A 162 15.44 -30.65 21.90
CA LEU A 162 14.75 -31.47 20.92
C LEU A 162 15.78 -32.35 20.18
N GLU A 163 15.69 -33.68 20.40
CA GLU A 163 16.68 -34.62 19.84
C GLU A 163 16.80 -34.44 18.33
N GLU A 164 15.71 -34.02 17.68
CA GLU A 164 15.68 -33.91 16.23
C GLU A 164 16.00 -32.50 15.76
N LEU A 165 17.20 -32.32 15.25
CA LEU A 165 17.64 -30.97 14.87
C LEU A 165 17.23 -30.43 13.48
N HIS A 166 16.45 -31.15 12.68
CA HIS A 166 15.92 -30.57 11.40
C HIS A 166 14.38 -30.76 11.18
N VAL A 167 13.57 -29.99 11.90
CA VAL A 167 12.13 -30.10 11.76
C VAL A 167 11.56 -29.30 10.53
N ILE A 168 10.69 -29.96 9.74
CA ILE A 168 9.94 -29.32 8.65
C ILE A 168 8.67 -28.56 9.11
N ASP A 169 7.78 -29.23 9.84
CA ASP A 169 6.56 -28.60 10.32
C ASP A 169 6.07 -29.29 11.59
N VAL A 170 5.36 -28.57 12.45
CA VAL A 170 4.89 -29.11 13.71
C VAL A 170 3.50 -28.59 13.98
N LYS A 171 2.67 -29.43 14.62
CA LYS A 171 1.37 -29.02 15.18
C LYS A 171 1.12 -29.69 16.51
N PHE A 172 0.31 -29.07 17.38
CA PHE A 172 -0.28 -29.79 18.53
C PHE A 172 -1.46 -30.67 18.06
N LEU A 173 -1.51 -31.92 18.55
CA LEU A 173 -2.59 -32.90 18.22
C LEU A 173 -3.88 -32.66 19.02
N TYR A 174 -5.03 -32.74 18.33
CA TYR A 174 -6.34 -32.73 19.00
C TYR A 174 -6.62 -34.06 19.70
N GLY A 175 -7.63 -34.06 20.57
CA GLY A 175 -8.09 -35.27 21.27
C GLY A 175 -6.99 -36.02 21.99
N CYS A 176 -6.23 -35.26 22.78
CA CYS A 176 -5.03 -35.76 23.44
C CYS A 176 -5.09 -35.47 24.93
N GLN A 177 -4.65 -36.44 25.73
CA GLN A 177 -4.70 -36.30 27.19
C GLN A 177 -3.65 -35.33 27.73
N ALA A 178 -2.40 -35.57 27.37
CA ALA A 178 -1.39 -34.53 27.58
C ALA A 178 -1.12 -33.80 26.27
N PRO A 179 -0.81 -32.49 26.36
CA PRO A 179 -0.24 -31.75 25.25
C PRO A 179 0.71 -32.64 24.44
N THR A 180 0.36 -32.89 23.18
CA THR A 180 1.19 -33.69 22.28
C THR A 180 1.44 -32.99 20.95
N ILE A 181 2.71 -33.01 20.55
CA ILE A 181 3.22 -32.41 19.34
C ILE A 181 3.17 -33.47 18.27
N CYS A 182 3.22 -33.02 17.01
CA CYS A 182 3.32 -33.91 15.87
C CYS A 182 4.06 -33.18 14.78
N PHE A 183 5.10 -33.82 14.26
CA PHE A 183 5.99 -33.11 13.38
C PHE A 183 6.73 -34.02 12.43
N VAL A 184 7.01 -33.52 11.25
CA VAL A 184 7.79 -34.25 10.28
C VAL A 184 9.19 -33.69 10.38
N TYR A 185 10.19 -34.57 10.33
CA TYR A 185 11.59 -34.15 10.37
C TYR A 185 12.44 -34.89 9.36
N GLN A 186 13.60 -34.32 9.05
CA GLN A 186 14.50 -34.94 8.11
C GLN A 186 15.84 -35.24 8.78
N ASP A 187 16.37 -36.43 8.48
CA ASP A 187 17.74 -36.83 8.78
C ASP A 187 18.19 -37.55 7.52
N PRO A 188 19.28 -38.30 7.60
CA PRO A 188 19.62 -39.30 6.57
C PRO A 188 18.68 -40.49 6.78
N GLN A 189 18.33 -41.22 5.73
CA GLN A 189 17.31 -42.25 5.88
C GLN A 189 15.94 -41.73 5.40
N GLY A 190 15.84 -40.40 5.24
CA GLY A 190 14.64 -39.75 4.68
C GLY A 190 13.88 -38.85 5.66
N ARG A 191 12.56 -38.80 5.50
CA ARG A 191 11.71 -38.04 6.41
C ARG A 191 10.72 -38.90 7.19
N HIS A 192 10.34 -38.42 8.37
CA HIS A 192 9.53 -39.18 9.31
C HIS A 192 8.52 -38.30 10.03
N VAL A 193 7.65 -38.94 10.81
CA VAL A 193 6.84 -38.26 11.79
C VAL A 193 7.09 -38.88 13.14
N LYS A 194 7.17 -38.04 14.18
CA LYS A 194 7.38 -38.50 15.52
C LYS A 194 6.38 -37.74 16.39
N THR A 195 6.11 -38.26 17.59
CA THR A 195 5.27 -37.58 18.56
C THR A 195 5.91 -37.58 19.95
N TYR A 196 5.72 -36.47 20.67
CA TYR A 196 6.16 -36.33 22.05
C TYR A 196 5.00 -35.72 22.77
N GLU A 197 4.86 -36.06 24.05
CA GLU A 197 3.93 -35.37 24.92
C GLU A 197 4.72 -34.23 25.52
N VAL A 198 4.07 -33.12 25.86
CA VAL A 198 4.77 -32.06 26.56
C VAL A 198 4.25 -31.99 27.98
N SER A 199 5.15 -32.25 28.94
CA SER A 199 4.86 -32.12 30.36
C SER A 199 5.56 -30.88 30.90
N LEU A 200 4.78 -29.97 31.46
CA LEU A 200 5.30 -28.67 31.91
C LEU A 200 5.70 -28.63 33.38
N ARG A 201 5.16 -29.55 34.15
CA ARG A 201 5.68 -29.81 35.49
C ARG A 201 7.13 -30.26 35.32
N GLU A 202 7.32 -31.12 34.33
CA GLU A 202 8.60 -31.79 34.13
C GLU A 202 9.62 -31.02 33.28
N LYS A 203 9.14 -30.22 32.33
CA LYS A 203 10.02 -29.62 31.34
C LYS A 203 10.77 -30.69 30.53
N GLU A 204 10.16 -31.86 30.41
CA GLU A 204 10.74 -32.98 29.67
C GLU A 204 9.84 -33.20 28.48
N PHE A 205 10.31 -34.07 27.59
CA PHE A 205 9.57 -34.50 26.40
C PHE A 205 9.43 -35.99 26.58
N ASN A 206 8.19 -36.46 26.64
CA ASN A 206 7.90 -37.82 27.18
C ASN A 206 7.48 -38.44 25.84
N LYS A 207 7.63 -39.76 25.77
CA LYS A 207 7.16 -40.59 24.67
C LYS A 207 5.74 -40.24 24.25
N GLY A 208 5.53 -40.11 22.95
CA GLY A 208 4.24 -39.72 22.39
C GLY A 208 3.25 -40.88 22.32
N PRO A 209 2.04 -40.63 21.80
CA PRO A 209 1.07 -41.71 21.87
C PRO A 209 1.20 -42.73 20.77
N TRP A 210 1.98 -42.44 19.72
CA TRP A 210 2.11 -43.43 18.64
C TRP A 210 3.42 -43.50 17.87
N LYS A 211 3.82 -44.74 17.56
CA LYS A 211 5.12 -45.05 17.01
C LYS A 211 5.44 -44.25 15.75
N GLN A 212 6.71 -43.93 15.58
CA GLN A 212 7.18 -43.15 14.47
C GLN A 212 7.10 -43.91 13.14
N GLU A 213 6.45 -43.29 12.15
CA GLU A 213 6.43 -43.83 10.80
C GLU A 213 7.29 -42.98 9.89
N ASN A 214 7.65 -43.54 8.73
CA ASN A 214 8.33 -42.79 7.68
C ASN A 214 7.28 -42.14 6.79
N VAL A 215 7.58 -40.94 6.29
CA VAL A 215 6.68 -40.28 5.34
C VAL A 215 7.49 -39.85 4.10
N GLU A 216 6.81 -39.23 3.14
CA GLU A 216 7.42 -38.93 1.87
C GLU A 216 8.60 -37.95 1.94
N ALA A 217 9.59 -38.20 1.08
CA ALA A 217 10.77 -37.32 0.99
C ALA A 217 10.45 -35.83 0.96
N GLU A 218 9.26 -35.48 0.47
CA GLU A 218 8.89 -34.08 0.28
C GLU A 218 7.73 -33.63 1.15
N ALA A 219 7.33 -34.49 2.10
CA ALA A 219 6.25 -34.18 3.03
C ALA A 219 6.57 -32.86 3.74
N SER A 220 5.63 -31.93 3.79
CA SER A 220 6.00 -30.66 4.32
C SER A 220 4.98 -29.92 5.13
N MET A 221 3.76 -30.44 5.18
CA MET A 221 2.64 -29.74 5.85
C MET A 221 2.04 -30.69 6.81
N VAL A 222 1.74 -30.25 8.01
CA VAL A 222 1.11 -31.14 8.98
C VAL A 222 -0.16 -30.46 9.41
N ILE A 223 -1.32 -31.08 9.14
CA ILE A 223 -2.60 -30.56 9.64
C ILE A 223 -3.10 -31.45 10.75
N ALA A 224 -3.54 -30.85 11.84
CA ALA A 224 -3.99 -31.61 12.98
C ALA A 224 -5.50 -31.63 12.93
N VAL A 225 -6.05 -32.82 12.80
CA VAL A 225 -7.49 -32.97 12.61
C VAL A 225 -8.19 -32.94 13.98
N PRO A 226 -9.30 -32.17 14.10
CA PRO A 226 -10.09 -31.93 15.32
C PRO A 226 -10.62 -33.20 15.96
N GLU A 227 -11.15 -33.11 17.18
CA GLU A 227 -11.46 -34.29 17.97
C GLU A 227 -12.26 -35.43 17.29
N PRO A 228 -13.32 -35.12 16.51
CA PRO A 228 -14.09 -36.22 15.88
C PRO A 228 -13.22 -37.29 15.18
N PHE A 229 -12.30 -36.87 14.30
CA PHE A 229 -11.33 -37.78 13.68
C PHE A 229 -10.09 -37.84 14.55
N GLY A 230 -9.45 -36.68 14.73
CA GLY A 230 -8.27 -36.50 15.52
C GLY A 230 -7.12 -37.34 15.02
N GLY A 231 -6.42 -36.87 13.99
CA GLY A 231 -5.12 -37.44 13.65
C GLY A 231 -4.31 -36.33 13.03
N ALA A 232 -3.49 -36.70 12.05
CA ALA A 232 -2.61 -35.75 11.40
C ALA A 232 -2.52 -36.05 9.92
N ILE A 233 -2.88 -35.06 9.12
CA ILE A 233 -2.71 -35.22 7.71
C ILE A 233 -1.32 -34.70 7.37
N ILE A 234 -0.72 -35.27 6.35
CA ILE A 234 0.65 -34.95 5.94
C ILE A 234 0.73 -34.69 4.43
N ILE A 235 0.95 -33.45 4.05
CA ILE A 235 0.94 -33.08 2.65
C ILE A 235 2.36 -33.03 2.16
N GLY A 236 2.59 -33.65 1.02
CA GLY A 236 3.92 -33.64 0.39
C GLY A 236 3.73 -33.67 -1.10
N GLN A 237 4.79 -33.45 -1.90
CA GLN A 237 4.69 -33.59 -3.36
C GLN A 237 4.05 -34.93 -3.63
N GLU A 238 3.19 -35.04 -4.64
CA GLU A 238 2.74 -36.39 -5.04
C GLU A 238 1.80 -37.17 -4.06
N SER A 239 1.85 -36.85 -2.77
CA SER A 239 1.28 -37.73 -1.77
C SER A 239 0.49 -36.99 -0.69
N ILE A 240 -0.59 -37.60 -0.21
CA ILE A 240 -1.34 -37.09 0.94
C ILE A 240 -1.69 -38.29 1.81
N THR A 241 -1.54 -38.16 3.14
CA THR A 241 -1.75 -39.29 4.07
C THR A 241 -2.23 -38.93 5.47
N TYR A 242 -3.20 -39.71 5.96
CA TYR A 242 -3.66 -39.60 7.34
C TYR A 242 -2.98 -40.63 8.25
N HIS A 243 -2.59 -40.15 9.42
CA HIS A 243 -1.92 -40.95 10.41
C HIS A 243 -2.75 -40.81 11.65
N ASN A 244 -2.75 -41.88 12.44
CA ASN A 244 -3.32 -41.87 13.77
C ASN A 244 -2.99 -43.18 14.43
N GLY A 245 -2.76 -43.15 15.74
CA GLY A 245 -2.48 -44.34 16.53
C GLY A 245 -1.93 -45.46 15.67
N ASP A 246 -2.83 -46.33 15.20
CA ASP A 246 -2.44 -47.40 14.26
C ASP A 246 -3.14 -47.36 12.90
N LYS A 247 -3.91 -46.30 12.68
CA LYS A 247 -4.48 -45.97 11.38
C LYS A 247 -3.42 -45.38 10.44
N TYR A 248 -3.62 -45.66 9.15
CA TYR A 248 -2.81 -45.10 8.07
C TYR A 248 -3.69 -45.07 6.84
N LEU A 249 -3.73 -43.93 6.15
CA LEU A 249 -4.48 -43.80 4.90
C LEU A 249 -3.71 -43.01 3.89
N ALA A 250 -3.80 -43.36 2.61
CA ALA A 250 -2.93 -42.73 1.61
C ALA A 250 -3.42 -42.67 0.16
N ILE A 251 -3.82 -41.48 -0.27
CA ILE A 251 -4.12 -41.27 -1.67
C ILE A 251 -2.94 -40.58 -2.32
N ALA A 252 -2.80 -40.77 -3.63
CA ALA A 252 -1.77 -40.04 -4.36
C ALA A 252 -2.28 -39.57 -5.74
N PRO A 253 -3.26 -38.65 -5.73
CA PRO A 253 -3.93 -38.35 -7.00
C PRO A 253 -2.96 -37.62 -7.95
N PRO A 254 -2.98 -38.00 -9.24
CA PRO A 254 -1.84 -37.55 -10.01
C PRO A 254 -2.02 -36.07 -10.37
N ILE A 255 -3.17 -35.50 -10.01
CA ILE A 255 -3.49 -34.11 -10.30
C ILE A 255 -2.59 -33.20 -9.47
N ILE A 256 -2.39 -33.54 -8.19
CA ILE A 256 -1.64 -32.69 -7.28
C ILE A 256 -0.12 -32.89 -7.34
N LYS A 257 0.37 -33.53 -8.40
CA LYS A 257 1.80 -33.72 -8.54
C LYS A 257 2.40 -32.57 -9.33
N GLN A 258 1.64 -32.00 -10.25
CA GLN A 258 2.11 -30.93 -11.13
C GLN A 258 2.73 -29.72 -10.40
N SER A 259 2.35 -29.51 -9.13
CA SER A 259 2.65 -28.27 -8.45
C SER A 259 2.48 -28.47 -6.99
N THR A 260 3.30 -27.76 -6.22
CA THR A 260 3.45 -27.97 -4.78
C THR A 260 2.25 -27.42 -4.03
N ILE A 261 1.71 -28.18 -3.09
CA ILE A 261 0.73 -27.60 -2.19
C ILE A 261 1.50 -26.75 -1.16
N VAL A 262 1.11 -25.50 -0.94
CA VAL A 262 1.90 -24.55 -0.08
C VAL A 262 1.15 -24.03 1.13
N CYS A 263 -0.19 -24.06 1.08
CA CYS A 263 -1.06 -23.60 2.16
C CYS A 263 -2.38 -24.40 2.27
N HIS A 264 -2.83 -24.66 3.49
CA HIS A 264 -4.12 -25.29 3.74
C HIS A 264 -5.00 -24.39 4.59
N ASN A 265 -6.27 -24.78 4.70
CA ASN A 265 -7.19 -24.16 5.64
C ASN A 265 -8.36 -25.10 5.93
N ARG A 266 -8.84 -25.09 7.17
CA ARG A 266 -9.98 -25.94 7.58
C ARG A 266 -11.35 -25.31 7.27
N VAL A 267 -12.25 -26.09 6.65
CA VAL A 267 -13.56 -25.55 6.22
C VAL A 267 -14.68 -25.80 7.23
N ASP A 268 -14.94 -27.07 7.51
CA ASP A 268 -15.90 -27.41 8.53
C ASP A 268 -15.08 -27.79 9.75
N PRO A 269 -15.37 -27.18 10.91
CA PRO A 269 -14.83 -27.44 12.25
C PRO A 269 -14.55 -28.88 12.63
N ASN A 270 -15.29 -29.84 12.09
CA ASN A 270 -15.07 -31.24 12.46
C ASN A 270 -13.95 -31.83 11.69
N GLY A 271 -13.55 -31.17 10.61
CA GLY A 271 -12.41 -31.59 9.82
C GLY A 271 -12.75 -32.41 8.59
N SER A 272 -14.01 -32.34 8.17
CA SER A 272 -14.48 -33.14 7.05
C SER A 272 -13.89 -32.64 5.73
N ARG A 273 -13.88 -31.31 5.56
CA ARG A 273 -13.35 -30.66 4.33
C ARG A 273 -12.29 -29.59 4.58
N TYR A 274 -11.22 -29.64 3.78
CA TYR A 274 -10.15 -28.61 3.80
C TYR A 274 -9.90 -27.90 2.44
N LEU A 275 -9.29 -26.72 2.49
CA LEU A 275 -8.77 -26.06 1.27
C LEU A 275 -7.27 -26.25 1.17
N LEU A 276 -6.79 -26.31 -0.06
CA LEU A 276 -5.39 -26.62 -0.35
C LEU A 276 -4.92 -25.69 -1.46
N GLY A 277 -3.91 -24.88 -1.11
CA GLY A 277 -3.33 -23.86 -1.98
C GLY A 277 -2.06 -24.36 -2.64
N ASP A 278 -2.03 -24.21 -3.95
CA ASP A 278 -1.09 -24.81 -4.87
C ASP A 278 -0.19 -23.69 -5.45
N MET A 279 1.05 -23.99 -5.83
CA MET A 279 1.95 -22.96 -6.33
C MET A 279 1.51 -22.38 -7.67
N GLU A 280 0.61 -23.09 -8.35
CA GLU A 280 0.07 -22.68 -9.64
C GLU A 280 -1.19 -21.77 -9.51
N GLY A 281 -1.75 -21.75 -8.30
CA GLY A 281 -2.93 -20.94 -8.00
C GLY A 281 -4.21 -21.76 -8.02
N ARG A 282 -4.07 -23.06 -8.23
CA ARG A 282 -5.20 -24.00 -8.29
C ARG A 282 -5.71 -24.23 -6.89
N LEU A 283 -7.01 -24.29 -6.70
CA LEU A 283 -7.56 -24.51 -5.36
C LEU A 283 -8.16 -25.90 -5.29
N PHE A 284 -7.85 -26.63 -4.23
CA PHE A 284 -8.43 -27.96 -4.09
C PHE A 284 -9.35 -28.02 -2.89
N MET A 285 -10.18 -29.05 -2.86
CA MET A 285 -10.90 -29.40 -1.66
C MET A 285 -10.45 -30.78 -1.31
N LEU A 286 -9.99 -30.91 -0.07
CA LEU A 286 -9.60 -32.19 0.45
C LEU A 286 -10.78 -32.63 1.31
N LEU A 287 -11.25 -33.83 1.03
CA LEU A 287 -12.48 -34.32 1.60
C LEU A 287 -12.20 -35.58 2.43
N LEU A 288 -12.59 -35.52 3.69
CA LEU A 288 -12.44 -36.65 4.59
C LEU A 288 -13.73 -37.45 4.64
N GLU A 289 -13.69 -38.63 3.99
CA GLU A 289 -14.83 -39.53 4.01
C GLU A 289 -14.98 -40.10 5.41
N LYS A 290 -15.96 -39.58 6.14
CA LYS A 290 -16.28 -39.99 7.51
C LYS A 290 -17.29 -41.15 7.52
N GLU A 291 -17.21 -42.04 8.51
CA GLU A 291 -18.02 -43.25 8.47
C GLU A 291 -18.53 -43.73 9.84
N GLU A 292 -19.84 -43.89 9.94
CA GLU A 292 -20.52 -44.23 11.20
C GLU A 292 -20.47 -45.72 11.52
N GLN A 293 -20.32 -46.04 12.82
CA GLN A 293 -20.27 -47.41 13.31
C GLN A 293 -21.63 -47.06 13.93
N MET A 294 -21.88 -47.47 15.18
CA MET A 294 -23.17 -47.20 15.84
C MET A 294 -22.41 -46.75 17.09
N ASP A 295 -21.71 -47.71 17.72
CA ASP A 295 -20.85 -47.47 18.86
C ASP A 295 -19.43 -47.91 18.54
N GLY A 296 -18.51 -46.94 18.68
CA GLY A 296 -17.07 -47.10 18.57
C GLY A 296 -16.57 -45.68 18.70
N THR A 297 -16.24 -45.08 17.56
CA THR A 297 -16.16 -43.61 17.40
C THR A 297 -16.27 -43.46 15.87
N VAL A 298 -16.73 -42.28 15.43
CA VAL A 298 -16.77 -41.93 14.00
C VAL A 298 -15.36 -41.99 13.41
N THR A 299 -15.23 -42.64 12.25
CA THR A 299 -13.91 -43.03 11.73
C THR A 299 -13.54 -42.33 10.41
N LEU A 300 -12.41 -42.70 9.83
CA LEU A 300 -12.04 -42.24 8.49
C LEU A 300 -12.11 -43.40 7.47
N LYS A 301 -12.98 -43.24 6.48
CA LYS A 301 -13.11 -44.26 5.48
C LYS A 301 -12.05 -44.05 4.43
N ASP A 302 -12.07 -42.88 3.80
CA ASP A 302 -11.25 -42.62 2.63
C ASP A 302 -10.88 -41.11 2.56
N LEU A 303 -9.85 -40.81 1.75
CA LEU A 303 -9.45 -39.44 1.41
C LEU A 303 -9.67 -39.12 -0.05
N ARG A 304 -10.10 -37.88 -0.31
CA ARG A 304 -10.38 -37.38 -1.66
C ARG A 304 -10.06 -35.87 -1.85
N VAL A 305 -9.79 -35.51 -3.10
CA VAL A 305 -9.42 -34.18 -3.56
C VAL A 305 -10.31 -33.78 -4.74
N GLU A 306 -10.96 -32.62 -4.66
CA GLU A 306 -11.62 -32.01 -5.80
C GLU A 306 -10.89 -30.74 -6.23
N LEU A 307 -10.43 -30.70 -7.49
CA LEU A 307 -10.00 -29.47 -8.13
C LEU A 307 -11.16 -28.46 -8.20
N LEU A 308 -11.18 -27.52 -7.27
CA LEU A 308 -12.19 -26.47 -7.25
C LEU A 308 -12.06 -25.38 -8.32
N GLY A 309 -10.83 -25.08 -8.73
CA GLY A 309 -10.60 -24.01 -9.70
C GLY A 309 -9.31 -23.22 -9.54
N GLU A 310 -9.37 -21.92 -9.79
CA GLU A 310 -8.17 -21.08 -9.82
C GLU A 310 -8.30 -19.78 -9.00
N THR A 311 -7.40 -19.59 -8.07
CA THR A 311 -7.28 -18.31 -7.40
C THR A 311 -5.96 -17.64 -7.77
N SER A 312 -5.72 -16.46 -7.25
CA SER A 312 -4.39 -15.89 -7.32
C SER A 312 -3.52 -16.72 -6.40
N ILE A 313 -2.22 -16.80 -6.72
CA ILE A 313 -1.26 -17.61 -5.97
C ILE A 313 -1.30 -17.31 -4.47
N ALA A 314 -1.80 -18.30 -3.74
CA ALA A 314 -2.12 -18.14 -2.34
C ALA A 314 -0.96 -18.46 -1.45
N GLU A 315 -0.76 -17.53 -0.53
CA GLU A 315 0.19 -17.73 0.51
C GLU A 315 -0.60 -18.07 1.77
N CYS A 316 -1.70 -17.36 1.98
CA CYS A 316 -2.59 -17.48 3.13
C CYS A 316 -3.96 -17.85 2.56
N LEU A 317 -4.80 -18.43 3.38
CA LEU A 317 -6.10 -18.80 2.89
C LEU A 317 -7.06 -18.95 4.08
N THR A 318 -8.28 -18.44 3.98
CA THR A 318 -9.22 -18.62 5.07
C THR A 318 -10.69 -18.59 4.62
N TYR A 319 -11.38 -19.67 4.98
CA TYR A 319 -12.78 -19.83 4.72
C TYR A 319 -13.56 -18.95 5.69
N LEU A 320 -14.70 -18.44 5.27
CA LEU A 320 -15.44 -17.50 6.10
C LEU A 320 -16.88 -17.94 6.31
N ASP A 321 -17.80 -17.00 6.13
CA ASP A 321 -19.22 -17.31 6.11
C ASP A 321 -19.59 -17.80 4.71
N ASN A 322 -20.19 -18.99 4.64
CA ASN A 322 -21.08 -19.32 3.49
C ASN A 322 -20.52 -19.26 2.06
N GLY A 323 -19.52 -20.09 1.80
CA GLY A 323 -18.89 -20.21 0.49
C GLY A 323 -17.81 -19.17 0.18
N VAL A 324 -17.73 -18.15 1.03
CA VAL A 324 -16.79 -17.08 0.83
C VAL A 324 -15.43 -17.45 1.44
N VAL A 325 -14.38 -17.29 0.62
CA VAL A 325 -13.02 -17.62 1.01
C VAL A 325 -12.13 -16.40 0.75
N PHE A 326 -11.29 -16.05 1.73
CA PHE A 326 -10.32 -14.98 1.53
C PHE A 326 -9.02 -15.61 1.05
N VAL A 327 -8.42 -14.98 0.05
CA VAL A 327 -7.19 -15.44 -0.58
C VAL A 327 -6.05 -14.45 -0.31
N GLY A 328 -5.18 -14.78 0.62
CA GLY A 328 -4.05 -13.91 0.89
C GLY A 328 -2.89 -14.26 -0.03
N SER A 329 -2.50 -13.31 -0.87
CA SER A 329 -1.44 -13.52 -1.81
C SER A 329 -0.20 -12.69 -1.45
N ARG A 330 1.00 -13.22 -1.71
CA ARG A 330 2.22 -12.42 -1.66
C ARG A 330 2.73 -12.12 -3.08
N LEU A 331 2.54 -13.09 -3.97
CA LEU A 331 2.96 -12.94 -5.38
C LEU A 331 1.97 -12.18 -6.26
N GLY A 332 0.72 -12.06 -5.84
CA GLY A 332 -0.27 -11.34 -6.62
C GLY A 332 -1.33 -10.60 -5.80
N ASP A 333 -2.36 -10.10 -6.48
CA ASP A 333 -3.45 -9.36 -5.83
C ASP A 333 -4.20 -10.33 -4.89
N SER A 334 -4.48 -9.89 -3.68
CA SER A 334 -5.32 -10.64 -2.80
C SER A 334 -6.78 -10.52 -3.22
N GLN A 335 -7.58 -11.52 -2.82
CA GLN A 335 -8.96 -11.51 -3.28
C GLN A 335 -10.02 -12.09 -2.32
N LEU A 336 -11.28 -11.89 -2.69
CA LEU A 336 -12.40 -12.55 -2.03
C LEU A 336 -13.09 -13.30 -3.12
N VAL A 337 -13.26 -14.61 -2.94
CA VAL A 337 -13.85 -15.48 -3.97
C VAL A 337 -15.02 -16.30 -3.42
N LYS A 338 -15.93 -16.72 -4.29
CA LYS A 338 -17.08 -17.54 -3.91
C LYS A 338 -16.97 -18.99 -4.36
N LEU A 339 -17.33 -19.91 -3.46
CA LEU A 339 -17.40 -21.35 -3.79
C LEU A 339 -18.83 -21.84 -4.00
N ASN A 340 -19.03 -22.43 -5.17
CA ASN A 340 -20.33 -22.84 -5.66
C ASN A 340 -20.38 -24.34 -5.74
N VAL A 341 -21.58 -24.87 -5.56
CA VAL A 341 -21.74 -26.30 -5.56
C VAL A 341 -21.70 -26.85 -6.99
N ASP A 342 -22.10 -26.02 -7.95
CA ASP A 342 -22.12 -26.40 -9.36
C ASP A 342 -21.11 -25.58 -10.08
N SER A 343 -20.34 -26.21 -10.96
CA SER A 343 -19.33 -25.51 -11.75
C SER A 343 -20.01 -24.64 -12.80
N ASN A 344 -19.29 -23.64 -13.31
CA ASN A 344 -19.76 -22.90 -14.48
C ASN A 344 -19.12 -23.53 -15.71
N GLU A 345 -18.89 -22.72 -16.76
CA GLU A 345 -18.19 -23.21 -17.95
C GLU A 345 -16.68 -23.29 -17.70
N GLN A 346 -16.07 -24.40 -18.11
CA GLN A 346 -14.66 -24.74 -17.84
C GLN A 346 -14.44 -25.49 -16.51
N GLY A 347 -15.53 -25.79 -15.79
CA GLY A 347 -15.47 -26.61 -14.59
C GLY A 347 -15.05 -25.84 -13.35
N SER A 348 -15.26 -24.52 -13.36
CA SER A 348 -14.83 -23.74 -12.23
C SER A 348 -15.89 -23.51 -11.14
N TYR A 349 -15.60 -24.02 -9.94
CA TYR A 349 -16.43 -23.76 -8.77
C TYR A 349 -16.14 -22.40 -8.13
N VAL A 350 -15.10 -21.71 -8.60
CA VAL A 350 -14.61 -20.52 -7.93
C VAL A 350 -15.05 -19.29 -8.70
N VAL A 351 -15.61 -18.30 -8.01
CA VAL A 351 -15.85 -17.00 -8.64
C VAL A 351 -15.41 -15.79 -7.82
N ALA A 352 -14.56 -14.96 -8.41
CA ALA A 352 -14.13 -13.69 -7.80
C ALA A 352 -15.30 -12.76 -7.39
N MET A 353 -15.15 -12.03 -6.29
CA MET A 353 -16.15 -11.08 -5.83
C MET A 353 -15.45 -9.75 -5.70
N GLU A 354 -14.20 -9.80 -5.22
CA GLU A 354 -13.37 -8.62 -4.92
C GLU A 354 -11.92 -8.98 -5.12
N THR A 355 -11.14 -7.98 -5.53
CA THR A 355 -9.73 -8.10 -5.82
C THR A 355 -9.02 -6.96 -5.10
N PHE A 356 -7.90 -7.27 -4.43
CA PHE A 356 -7.17 -6.25 -3.66
C PHE A 356 -5.74 -6.05 -4.13
N THR A 357 -5.48 -4.85 -4.62
CA THR A 357 -4.18 -4.42 -5.03
C THR A 357 -3.00 -4.85 -4.15
N ASN A 358 -2.06 -5.56 -4.76
CA ASN A 358 -0.79 -5.93 -4.12
C ASN A 358 0.31 -5.44 -5.04
N LEU A 359 1.19 -4.59 -4.54
CA LEU A 359 2.20 -4.10 -5.45
C LEU A 359 3.31 -5.13 -5.42
N GLY A 360 3.02 -6.23 -4.70
CA GLY A 360 3.57 -7.55 -4.98
C GLY A 360 5.02 -7.51 -4.62
N PRO A 361 5.80 -8.49 -5.09
CA PRO A 361 7.21 -8.20 -5.06
C PRO A 361 7.44 -7.15 -6.12
N ILE A 362 8.05 -6.05 -5.72
CA ILE A 362 8.49 -5.07 -6.68
C ILE A 362 9.92 -5.40 -7.05
N VAL A 363 10.10 -6.00 -8.23
CA VAL A 363 11.44 -6.53 -8.56
C VAL A 363 12.31 -5.44 -9.13
N ASP A 364 11.71 -4.37 -9.62
CA ASP A 364 12.46 -3.27 -10.19
C ASP A 364 11.50 -2.12 -10.48
N MET A 365 12.04 -0.92 -10.75
CA MET A 365 11.16 0.22 -11.07
C MET A 365 11.87 1.42 -11.68
N CYS A 366 11.10 2.42 -12.11
CA CYS A 366 11.67 3.66 -12.59
C CYS A 366 10.62 4.76 -12.52
N VAL A 367 11.07 6.01 -12.56
CA VAL A 367 10.19 7.18 -12.51
C VAL A 367 10.17 7.92 -13.84
N VAL A 368 8.97 8.24 -14.29
CA VAL A 368 8.80 8.99 -15.52
C VAL A 368 7.83 10.15 -15.36
N ASP A 369 7.94 11.11 -16.26
CA ASP A 369 6.92 12.12 -16.44
C ASP A 369 6.01 11.69 -17.57
N LEU A 370 5.05 10.83 -17.25
CA LEU A 370 4.17 10.36 -18.31
C LEU A 370 3.30 11.48 -18.84
N GLU A 371 2.41 12.01 -18.00
CA GLU A 371 1.48 13.06 -18.42
C GLU A 371 2.17 14.42 -18.64
N ARG A 372 3.43 14.40 -19.08
CA ARG A 372 4.19 15.61 -19.49
C ARG A 372 4.50 16.67 -18.42
N GLN A 373 3.69 16.67 -17.35
CA GLN A 373 3.80 17.62 -16.27
C GLN A 373 4.97 17.25 -15.37
N GLY A 374 5.49 18.21 -14.62
CA GLY A 374 6.53 17.95 -13.65
C GLY A 374 6.11 17.09 -12.45
N GLN A 375 5.08 16.27 -12.58
CA GLN A 375 4.83 15.28 -11.53
C GLN A 375 5.40 13.92 -11.88
N GLY A 376 6.14 13.36 -10.93
CA GLY A 376 6.71 12.04 -11.09
C GLY A 376 5.64 10.96 -11.15
N GLN A 377 5.89 10.01 -12.02
CA GLN A 377 5.07 8.81 -12.11
C GLN A 377 5.98 7.61 -11.98
N LEU A 378 5.54 6.64 -11.20
CA LEU A 378 6.36 5.48 -10.88
C LEU A 378 5.78 4.25 -11.54
N VAL A 379 6.62 3.52 -12.26
CA VAL A 379 6.16 2.25 -12.84
C VAL A 379 6.98 1.03 -12.44
N THR A 380 6.32 0.09 -11.79
CA THR A 380 6.98 -1.06 -11.19
C THR A 380 6.90 -2.35 -12.01
N CYS A 381 7.93 -3.18 -11.91
CA CYS A 381 7.82 -4.59 -12.23
C CYS A 381 7.32 -5.30 -10.99
N SER A 382 6.10 -5.82 -11.08
CA SER A 382 5.42 -6.37 -9.92
C SER A 382 4.94 -7.79 -10.12
N GLY A 383 4.90 -8.54 -9.04
CA GLY A 383 4.33 -9.85 -9.03
C GLY A 383 5.25 -10.83 -9.68
N ALA A 384 4.76 -12.02 -9.95
CA ALA A 384 5.57 -13.00 -10.62
C ALA A 384 4.66 -14.04 -11.20
N PHE A 385 5.22 -14.82 -12.12
CA PHE A 385 4.46 -15.83 -12.87
C PHE A 385 3.13 -15.27 -13.35
N LYS A 386 2.06 -16.06 -13.21
CA LYS A 386 0.76 -15.62 -13.73
C LYS A 386 0.27 -14.28 -13.11
N GLU A 387 0.74 -13.97 -11.89
CA GLU A 387 0.40 -12.69 -11.28
C GLU A 387 1.25 -11.51 -11.76
N GLY A 388 2.23 -11.74 -12.63
CA GLY A 388 3.16 -10.66 -12.98
C GLY A 388 2.43 -9.47 -13.60
N SER A 389 2.97 -8.26 -13.49
CA SER A 389 2.33 -7.05 -13.99
C SER A 389 3.26 -5.82 -13.99
N LEU A 390 2.90 -4.78 -14.76
CA LEU A 390 3.37 -3.41 -14.45
C LEU A 390 2.33 -2.66 -13.59
N ARG A 391 2.81 -1.78 -12.70
CA ARG A 391 1.90 -0.88 -12.02
C ARG A 391 2.35 0.57 -12.15
N ILE A 392 1.50 1.39 -12.79
CA ILE A 392 1.75 2.82 -12.86
C ILE A 392 1.15 3.52 -11.62
N ILE A 393 2.01 4.15 -10.81
CA ILE A 393 1.63 4.79 -9.55
C ILE A 393 1.74 6.33 -9.57
N ARG A 394 0.65 7.00 -9.23
CA ARG A 394 0.56 8.46 -9.33
C ARG A 394 0.10 9.05 -8.00
N ASN A 395 0.78 10.11 -7.56
CA ASN A 395 0.27 10.87 -6.42
C ASN A 395 -0.96 11.69 -6.84
N GLY A 396 -1.95 11.74 -5.96
CA GLY A 396 -3.08 12.64 -6.12
C GLY A 396 -4.26 12.23 -6.97
N ILE A 397 -5.28 13.07 -6.90
CA ILE A 397 -6.52 12.85 -7.63
C ILE A 397 -6.51 13.72 -8.91
N GLY A 398 -6.96 13.13 -10.02
CA GLY A 398 -6.92 13.79 -11.32
C GLY A 398 -8.35 14.05 -11.78
N ILE A 399 -8.50 14.99 -12.71
CA ILE A 399 -9.80 15.27 -13.37
C ILE A 399 -9.57 15.50 -14.87
N HIS A 400 -10.51 14.99 -15.69
CA HIS A 400 -10.44 14.99 -17.17
C HIS A 400 -11.04 16.24 -17.84
N GLU A 401 -10.18 17.16 -18.32
CA GLU A 401 -10.61 18.46 -18.91
C GLU A 401 -11.24 18.42 -20.32
N HIS A 402 -12.52 18.83 -20.39
CA HIS A 402 -13.24 18.95 -21.66
C HIS A 402 -13.18 20.39 -22.16
N ALA A 403 -14.27 20.90 -22.77
CA ALA A 403 -14.29 22.29 -23.21
C ALA A 403 -14.21 23.19 -21.99
N SER A 404 -13.41 24.25 -22.11
CA SER A 404 -13.04 25.06 -20.99
C SER A 404 -13.03 26.53 -21.39
N ILE A 405 -14.10 27.21 -21.00
CA ILE A 405 -14.37 28.58 -21.40
C ILE A 405 -13.51 29.51 -20.59
N ASP A 406 -12.72 30.35 -21.27
CA ASP A 406 -11.86 31.32 -20.58
C ASP A 406 -12.66 32.49 -20.03
N LEU A 407 -13.38 32.19 -18.96
CA LEU A 407 -14.36 33.08 -18.35
C LEU A 407 -13.83 33.61 -17.02
N PRO A 408 -13.52 34.92 -16.95
CA PRO A 408 -12.82 35.50 -15.80
C PRO A 408 -13.72 35.65 -14.57
N GLY A 409 -13.20 36.33 -13.55
CA GLY A 409 -13.94 36.61 -12.33
C GLY A 409 -15.31 35.98 -12.26
N ILE A 410 -15.40 34.89 -11.48
CA ILE A 410 -16.60 34.07 -11.31
C ILE A 410 -16.55 34.08 -9.80
N LYS A 411 -17.70 33.81 -9.18
CA LYS A 411 -17.83 33.99 -7.75
C LYS A 411 -18.62 32.89 -7.04
N GLY A 412 -19.21 31.97 -7.82
CA GLY A 412 -19.95 30.82 -7.26
C GLY A 412 -20.65 30.01 -8.34
N LEU A 413 -21.11 28.80 -7.98
CA LEU A 413 -21.99 27.96 -8.84
C LEU A 413 -22.69 26.76 -8.17
N TRP A 414 -23.83 26.39 -8.76
CA TRP A 414 -24.78 25.46 -8.18
C TRP A 414 -25.26 24.57 -9.34
N PRO A 415 -25.75 23.34 -9.04
CA PRO A 415 -26.26 22.48 -10.14
C PRO A 415 -27.65 22.92 -10.67
N LEU A 416 -27.61 23.56 -11.84
CA LEU A 416 -28.79 24.21 -12.43
C LEU A 416 -29.06 23.80 -13.88
N ARG A 417 -30.33 23.85 -14.25
CA ARG A 417 -30.85 23.31 -15.50
C ARG A 417 -31.41 24.41 -16.37
N SER A 418 -32.65 24.21 -16.81
CA SER A 418 -33.47 25.17 -17.55
C SER A 418 -34.82 24.50 -17.81
N ASP A 419 -35.01 23.32 -17.20
CA ASP A 419 -36.25 22.53 -17.32
C ASP A 419 -36.54 21.74 -16.03
N PRO A 420 -37.78 21.21 -15.90
CA PRO A 420 -38.09 20.24 -14.85
C PRO A 420 -38.07 18.80 -15.38
N ASN A 421 -37.29 18.59 -16.45
CA ASN A 421 -37.34 17.38 -17.27
C ASN A 421 -36.14 16.45 -17.13
N ARG A 422 -35.42 16.34 -18.25
CA ARG A 422 -34.10 15.71 -18.33
C ARG A 422 -33.25 16.13 -17.14
N GLU A 423 -32.70 15.14 -16.43
CA GLU A 423 -31.89 15.42 -15.23
C GLU A 423 -30.56 16.05 -15.60
N THR A 424 -30.36 16.23 -16.91
CA THR A 424 -29.27 17.02 -17.47
C THR A 424 -29.64 18.51 -17.46
N TYR A 425 -28.65 19.38 -17.61
CA TYR A 425 -28.81 20.82 -17.44
C TYR A 425 -28.15 21.57 -18.61
N ASP A 426 -28.65 22.74 -18.97
CA ASP A 426 -28.11 23.48 -20.14
C ASP A 426 -27.46 24.85 -19.86
N THR A 427 -27.70 25.39 -18.67
CA THR A 427 -27.14 26.68 -18.27
C THR A 427 -26.87 26.71 -16.78
N LEU A 428 -25.60 26.87 -16.41
CA LEU A 428 -25.20 26.92 -15.02
C LEU A 428 -24.88 28.35 -14.58
N VAL A 429 -25.93 29.14 -14.33
CA VAL A 429 -25.77 30.52 -13.92
C VAL A 429 -24.90 30.62 -12.67
N LEU A 430 -23.76 31.30 -12.80
CA LEU A 430 -22.83 31.46 -11.68
C LEU A 430 -22.97 32.85 -11.07
N SER A 431 -21.85 33.56 -10.96
CA SER A 431 -21.83 34.90 -10.38
C SER A 431 -20.51 35.60 -10.65
N PHE A 432 -20.54 36.61 -11.52
CA PHE A 432 -19.34 37.36 -11.86
C PHE A 432 -18.99 38.33 -10.73
N VAL A 433 -17.87 39.04 -10.87
CA VAL A 433 -17.41 40.09 -9.94
C VAL A 433 -18.52 41.11 -9.63
N GLY A 434 -19.23 40.88 -8.53
CA GLY A 434 -20.38 41.70 -8.17
C GLY A 434 -21.66 41.39 -8.95
N GLN A 435 -21.57 40.47 -9.91
CA GLN A 435 -22.63 40.29 -10.90
C GLN A 435 -23.15 38.86 -11.02
N THR A 436 -24.25 38.69 -11.76
CA THR A 436 -24.81 37.39 -12.12
C THR A 436 -24.94 37.34 -13.65
N ARG A 437 -24.47 36.26 -14.28
CA ARG A 437 -24.49 36.13 -15.75
C ARG A 437 -25.10 34.81 -16.24
N VAL A 438 -25.20 34.67 -17.56
CA VAL A 438 -25.86 33.52 -18.19
C VAL A 438 -24.96 32.79 -19.20
N LEU A 439 -25.02 31.46 -19.14
CA LEU A 439 -24.32 30.56 -20.07
C LEU A 439 -25.31 29.72 -20.86
N MET A 440 -25.96 30.30 -21.86
CA MET A 440 -26.87 29.51 -22.66
C MET A 440 -26.04 28.48 -23.43
N LEU A 441 -26.04 27.24 -22.94
CA LEU A 441 -25.11 26.23 -23.45
C LEU A 441 -25.83 24.92 -23.81
N ASN A 442 -25.86 24.61 -25.11
CA ASN A 442 -26.44 23.37 -25.62
C ASN A 442 -25.56 22.18 -25.26
N GLY A 443 -24.63 22.40 -24.33
CA GLY A 443 -23.63 21.40 -23.99
C GLY A 443 -22.49 21.30 -25.01
N GLU A 444 -22.38 22.33 -25.85
CA GLU A 444 -21.35 22.42 -26.89
C GLU A 444 -20.64 23.78 -26.90
N GLU A 445 -21.36 24.84 -27.24
CA GLU A 445 -20.81 26.21 -27.17
C GLU A 445 -21.68 27.19 -26.39
N VAL A 446 -21.02 28.14 -25.74
CA VAL A 446 -21.64 29.08 -24.80
C VAL A 446 -22.17 30.35 -25.48
N GLU A 447 -22.94 31.13 -24.73
CA GLU A 447 -23.64 32.29 -25.26
C GLU A 447 -23.85 33.36 -24.17
N GLU A 448 -23.84 34.62 -24.58
CA GLU A 448 -24.03 35.74 -23.64
C GLU A 448 -25.37 36.47 -23.82
N THR A 449 -26.45 35.69 -23.91
CA THR A 449 -27.81 36.23 -23.82
C THR A 449 -28.27 36.14 -22.36
N GLU A 450 -28.45 37.31 -21.75
CA GLU A 450 -28.80 37.42 -20.33
C GLU A 450 -30.30 37.20 -20.02
N LEU A 451 -30.62 36.81 -18.79
CA LEU A 451 -31.94 36.24 -18.45
C LEU A 451 -32.88 37.11 -17.60
N MET A 452 -34.15 36.69 -17.58
CA MET A 452 -35.22 37.36 -16.85
C MET A 452 -35.04 37.33 -15.34
N GLY A 453 -35.13 38.50 -14.70
CA GLY A 453 -35.11 38.61 -13.23
C GLY A 453 -33.77 38.33 -12.56
N PHE A 454 -32.90 37.60 -13.26
CA PHE A 454 -31.56 37.32 -12.80
C PHE A 454 -30.67 38.49 -13.19
N VAL A 455 -31.04 39.68 -12.73
CA VAL A 455 -30.40 40.94 -13.16
C VAL A 455 -28.89 40.75 -13.34
N ASP A 456 -28.42 41.05 -14.54
CA ASP A 456 -26.99 41.04 -14.90
C ASP A 456 -26.14 42.08 -14.13
N ASP A 457 -26.72 42.71 -13.10
CA ASP A 457 -25.99 43.62 -12.22
C ASP A 457 -26.15 43.34 -10.72
N GLN A 458 -26.62 42.14 -10.38
CA GLN A 458 -26.68 41.69 -8.98
C GLN A 458 -26.03 40.30 -8.82
N GLN A 459 -26.27 39.61 -7.71
CA GLN A 459 -25.51 38.40 -7.40
C GLN A 459 -26.25 37.29 -6.66
N THR A 460 -26.07 36.04 -7.11
CA THR A 460 -26.67 34.86 -6.45
C THR A 460 -25.74 34.27 -5.38
N PHE A 461 -26.36 33.86 -4.26
CA PHE A 461 -25.65 33.25 -3.14
C PHE A 461 -25.92 31.74 -3.08
N PHE A 462 -27.19 31.35 -3.21
CA PHE A 462 -27.58 29.93 -3.33
C PHE A 462 -28.57 29.85 -4.47
N CYS A 463 -28.73 28.67 -5.07
CA CYS A 463 -29.47 28.52 -6.33
C CYS A 463 -29.86 27.06 -6.63
N GLY A 464 -30.46 26.42 -5.63
CA GLY A 464 -30.77 24.98 -5.71
C GLY A 464 -32.08 24.55 -6.37
N ASN A 465 -32.19 23.25 -6.69
CA ASN A 465 -33.34 22.73 -7.41
C ASN A 465 -34.61 22.77 -6.55
N VAL A 466 -35.18 23.97 -6.44
CA VAL A 466 -36.43 24.21 -5.71
C VAL A 466 -37.65 23.86 -6.57
N ALA A 467 -38.47 22.97 -6.03
CA ALA A 467 -39.68 22.51 -6.71
C ALA A 467 -40.71 23.65 -6.90
N HIS A 468 -41.91 23.28 -7.36
CA HIS A 468 -43.03 24.22 -7.51
C HIS A 468 -42.83 25.20 -8.69
N GLN A 469 -42.16 24.71 -9.73
CA GLN A 469 -41.92 25.45 -10.99
C GLN A 469 -41.25 26.83 -10.84
N GLN A 470 -40.05 26.85 -10.24
CA GLN A 470 -39.26 28.09 -10.08
C GLN A 470 -37.75 27.85 -10.13
N LEU A 471 -37.02 28.83 -10.66
CA LEU A 471 -35.56 28.85 -10.69
C LEU A 471 -35.04 29.87 -9.66
N ILE A 472 -34.91 29.43 -8.39
CA ILE A 472 -34.54 30.33 -7.26
C ILE A 472 -33.26 31.13 -7.46
N GLN A 473 -33.16 32.28 -6.76
CA GLN A 473 -32.07 33.23 -6.96
C GLN A 473 -31.78 34.15 -5.72
N ILE A 474 -31.62 33.55 -4.52
CA ILE A 474 -31.26 34.33 -3.31
C ILE A 474 -30.10 35.28 -3.63
N THR A 475 -30.40 36.55 -3.79
CA THR A 475 -29.43 37.52 -4.30
C THR A 475 -28.83 38.43 -3.22
N SER A 476 -27.94 39.33 -3.63
CA SER A 476 -27.36 40.34 -2.74
C SER A 476 -28.47 41.17 -2.15
N ALA A 477 -29.19 41.89 -3.02
CA ALA A 477 -30.34 42.69 -2.63
C ALA A 477 -31.21 41.90 -1.65
N SER A 478 -31.77 40.78 -2.12
CA SER A 478 -32.66 39.93 -1.32
C SER A 478 -33.41 39.00 -2.24
N VAL A 479 -33.61 37.77 -1.77
CA VAL A 479 -34.22 36.69 -2.57
C VAL A 479 -35.26 37.20 -3.62
N ARG A 480 -35.01 36.81 -4.87
CA ARG A 480 -35.87 37.11 -6.02
C ARG A 480 -36.54 35.85 -6.52
N LEU A 481 -37.45 35.98 -7.47
CA LEU A 481 -38.17 34.81 -7.98
C LEU A 481 -38.44 34.90 -9.47
N VAL A 482 -37.97 33.89 -10.19
CA VAL A 482 -38.14 33.76 -11.63
C VAL A 482 -38.76 32.39 -11.84
N SER A 483 -39.94 32.33 -12.45
CA SER A 483 -40.66 31.06 -12.57
C SER A 483 -40.09 30.16 -13.66
N GLN A 484 -40.26 28.85 -13.50
CA GLN A 484 -39.81 27.86 -14.49
C GLN A 484 -40.42 28.14 -15.85
N GLU A 485 -41.71 27.86 -15.96
CA GLU A 485 -42.44 28.08 -17.20
C GLU A 485 -42.72 29.58 -17.44
N PRO A 486 -43.49 30.25 -16.53
CA PRO A 486 -43.76 31.70 -16.69
C PRO A 486 -42.54 32.61 -16.89
N LYS A 487 -41.43 32.31 -16.23
CA LYS A 487 -40.15 33.04 -16.40
C LYS A 487 -40.23 34.51 -15.97
N ALA A 488 -41.41 34.93 -15.55
CA ALA A 488 -41.62 36.29 -15.08
C ALA A 488 -41.23 36.42 -13.62
N LEU A 489 -40.85 37.63 -13.23
CA LEU A 489 -40.52 37.94 -11.84
C LEU A 489 -41.76 37.74 -10.96
N VAL A 490 -41.76 36.64 -10.20
CA VAL A 490 -42.90 36.26 -9.35
C VAL A 490 -42.98 37.19 -8.14
N SER A 491 -42.51 36.73 -6.98
CA SER A 491 -42.48 37.55 -5.76
C SER A 491 -41.05 37.99 -5.46
N GLU A 492 -40.88 38.79 -4.41
CA GLU A 492 -39.56 39.30 -4.03
C GLU A 492 -39.47 39.68 -2.56
N TRP A 493 -38.24 39.95 -2.12
CA TRP A 493 -37.97 40.41 -0.78
C TRP A 493 -37.20 41.74 -0.83
N LYS A 494 -37.18 42.45 0.29
CA LYS A 494 -36.46 43.72 0.45
C LYS A 494 -36.42 44.05 1.95
N GLU A 495 -35.27 44.51 2.46
CA GLU A 495 -35.13 44.70 3.91
C GLU A 495 -35.81 45.94 4.42
N PRO A 496 -36.74 45.78 5.37
CA PRO A 496 -37.52 46.85 5.94
C PRO A 496 -36.78 48.17 6.04
N GLN A 497 -35.45 48.12 6.21
CA GLN A 497 -34.66 49.35 6.26
C GLN A 497 -34.17 49.83 4.89
N ALA A 498 -33.03 49.30 4.47
CA ALA A 498 -32.38 49.62 3.21
C ALA A 498 -31.21 48.64 3.15
N LYS A 499 -31.42 47.47 3.76
CA LYS A 499 -30.36 46.51 4.01
C LYS A 499 -30.57 45.25 3.17
N ASN A 500 -29.54 44.41 3.09
CA ASN A 500 -29.51 43.27 2.17
C ASN A 500 -28.97 41.97 2.78
N ILE A 501 -29.29 40.84 2.15
CA ILE A 501 -28.73 39.57 2.60
C ILE A 501 -27.22 39.60 2.40
N SER A 502 -26.51 39.14 3.43
CA SER A 502 -25.05 39.08 3.37
C SER A 502 -24.55 37.65 3.32
N VAL A 503 -25.30 36.69 3.88
CA VAL A 503 -24.90 35.27 3.91
C VAL A 503 -26.05 34.24 3.69
N ALA A 504 -26.06 33.58 2.53
CA ALA A 504 -27.11 32.58 2.18
C ALA A 504 -27.06 31.26 2.99
N SER A 505 -27.96 30.33 2.69
CA SER A 505 -27.96 28.96 3.25
C SER A 505 -29.30 28.22 3.12
N CYS A 506 -29.29 27.07 2.44
CA CYS A 506 -30.50 26.42 1.95
C CYS A 506 -30.34 24.95 1.54
N ASN A 507 -31.43 24.40 0.95
CA ASN A 507 -31.49 23.05 0.40
C ASN A 507 -32.31 22.97 -0.90
N SER A 508 -33.64 23.05 -0.79
CA SER A 508 -34.56 22.96 -1.95
C SER A 508 -35.96 23.55 -1.72
N SER A 509 -36.16 24.19 -0.57
CA SER A 509 -37.43 24.84 -0.24
C SER A 509 -37.29 25.98 0.78
N GLN A 510 -36.06 26.39 1.08
CA GLN A 510 -35.75 27.40 2.11
C GLN A 510 -34.99 28.62 1.59
N VAL A 511 -35.09 29.73 2.33
CA VAL A 511 -34.17 30.87 2.22
C VAL A 511 -33.81 31.22 3.68
N VAL A 512 -32.85 30.46 4.21
CA VAL A 512 -32.41 30.56 5.63
C VAL A 512 -31.11 31.36 5.85
N VAL A 513 -31.25 32.68 5.74
CA VAL A 513 -30.13 33.60 5.56
C VAL A 513 -29.76 34.42 6.79
N ALA A 514 -28.94 35.42 6.54
CA ALA A 514 -28.43 36.30 7.56
C ALA A 514 -28.25 37.67 6.95
N VAL A 515 -28.68 38.69 7.71
CA VAL A 515 -28.48 40.11 7.34
C VAL A 515 -27.60 40.72 8.41
N GLY A 516 -26.32 40.94 8.08
CA GLY A 516 -25.27 41.31 9.05
C GLY A 516 -25.47 40.27 10.13
N ARG A 517 -25.91 40.71 11.30
CA ARG A 517 -26.09 39.85 12.51
C ARG A 517 -27.47 39.21 12.63
N ALA A 518 -28.43 39.70 11.86
CA ALA A 518 -29.80 39.18 11.90
C ALA A 518 -29.88 37.83 11.22
N LEU A 519 -30.77 36.97 11.68
CA LEU A 519 -30.99 35.68 11.05
C LEU A 519 -32.48 35.35 10.89
N TYR A 520 -32.97 35.34 9.65
CA TYR A 520 -34.40 35.08 9.37
C TYR A 520 -34.75 33.64 8.92
N TYR A 521 -35.58 33.54 7.88
CA TYR A 521 -36.02 32.29 7.23
C TYR A 521 -37.27 32.58 6.39
N LEU A 522 -37.12 32.59 5.07
CA LEU A 522 -38.20 33.04 4.16
C LEU A 522 -38.60 31.95 3.13
N GLN A 523 -39.75 31.31 3.35
CA GLN A 523 -40.23 30.16 2.56
C GLN A 523 -40.86 30.50 1.20
N ILE A 524 -40.22 30.02 0.13
CA ILE A 524 -40.76 30.15 -1.22
C ILE A 524 -41.60 28.90 -1.59
N HIS A 525 -42.84 28.85 -1.09
CA HIS A 525 -43.79 27.77 -1.43
C HIS A 525 -44.27 27.92 -2.88
N PRO A 526 -45.50 27.46 -3.23
CA PRO A 526 -45.99 27.83 -4.57
C PRO A 526 -45.86 29.33 -4.91
N GLN A 527 -44.64 29.70 -5.34
CA GLN A 527 -44.25 31.03 -5.81
C GLN A 527 -44.56 32.28 -4.96
N GLU A 528 -44.02 32.33 -3.75
CA GLU A 528 -44.14 33.48 -2.84
C GLU A 528 -42.96 33.62 -1.88
N LEU A 529 -43.25 33.92 -0.61
CA LEU A 529 -42.25 34.07 0.47
C LEU A 529 -42.94 33.90 1.85
N ARG A 530 -42.38 33.04 2.72
CA ARG A 530 -43.08 32.67 3.97
C ARG A 530 -42.22 32.51 5.24
N GLN A 531 -42.01 33.62 5.95
CA GLN A 531 -41.16 33.70 7.15
C GLN A 531 -41.68 32.89 8.35
N ILE A 532 -40.76 32.52 9.27
CA ILE A 532 -41.11 31.70 10.45
C ILE A 532 -40.45 32.17 11.78
N SER A 533 -39.14 31.97 11.93
CA SER A 533 -38.39 32.29 13.15
C SER A 533 -37.34 33.41 13.00
N HIS A 534 -36.88 34.03 14.09
CA HIS A 534 -35.93 35.17 14.01
C HIS A 534 -35.17 35.48 15.33
N THR A 535 -33.84 35.61 15.22
CA THR A 535 -32.96 36.08 16.31
C THR A 535 -31.93 37.09 15.77
N GLU A 536 -30.95 37.42 16.61
CA GLU A 536 -29.87 38.36 16.29
C GLU A 536 -28.58 37.90 16.99
N MET A 537 -27.45 38.03 16.29
CA MET A 537 -26.17 37.51 16.80
C MET A 537 -25.41 38.56 17.57
N GLU A 538 -24.63 38.13 18.55
CA GLU A 538 -23.86 39.10 19.32
C GLU A 538 -22.83 39.74 18.41
N HIS A 539 -22.45 39.01 17.35
CA HIS A 539 -21.46 39.44 16.37
C HIS A 539 -21.94 39.37 14.91
N GLU A 540 -21.10 39.82 13.99
CA GLU A 540 -21.40 39.76 12.56
C GLU A 540 -21.25 38.36 11.98
N VAL A 541 -22.31 37.85 11.34
CA VAL A 541 -22.33 36.49 10.78
C VAL A 541 -21.46 36.36 9.54
N ALA A 542 -20.55 35.38 9.58
CA ALA A 542 -19.61 35.14 8.47
C ALA A 542 -20.03 34.03 7.52
N CYS A 543 -20.64 32.97 8.05
CA CYS A 543 -21.03 31.79 7.23
C CYS A 543 -22.09 30.89 7.91
N LEU A 544 -22.78 30.05 7.12
CA LEU A 544 -23.92 29.27 7.59
C LEU A 544 -24.00 27.88 6.96
N ASP A 545 -24.48 26.91 7.73
CA ASP A 545 -24.84 25.61 7.15
C ASP A 545 -26.14 25.06 7.72
N ILE A 546 -27.01 24.64 6.80
CA ILE A 546 -28.19 23.83 7.08
C ILE A 546 -28.48 22.99 5.83
N THR A 547 -28.86 21.73 6.03
CA THR A 547 -29.28 20.85 4.92
C THR A 547 -29.99 19.59 5.50
N PRO A 548 -30.96 19.01 4.74
CA PRO A 548 -31.62 17.75 5.09
C PRO A 548 -30.74 16.73 5.83
N LEU A 549 -30.92 16.62 7.14
CA LEU A 549 -30.07 15.77 7.98
C LEU A 549 -30.84 14.99 9.05
N GLY A 550 -31.16 13.74 8.73
CA GLY A 550 -31.97 12.89 9.59
C GLY A 550 -33.06 12.22 8.77
N ASP A 551 -34.21 12.91 8.66
CA ASP A 551 -35.28 12.49 7.77
C ASP A 551 -36.11 13.69 7.30
N SER A 552 -35.47 14.85 7.20
CA SER A 552 -36.14 16.06 6.71
C SER A 552 -35.90 16.28 5.21
N ASN A 553 -36.86 16.94 4.56
CA ASN A 553 -36.75 17.33 3.15
C ASN A 553 -36.74 18.84 3.00
N GLY A 554 -37.84 19.46 3.40
CA GLY A 554 -38.10 20.87 3.17
C GLY A 554 -37.44 21.75 4.21
N LEU A 555 -38.02 21.75 5.40
CA LEU A 555 -37.45 22.45 6.55
C LEU A 555 -36.30 21.61 7.10
N SER A 556 -35.18 22.27 7.44
CA SER A 556 -33.99 21.54 7.90
C SER A 556 -33.83 21.66 9.42
N PRO A 557 -33.21 20.63 10.07
CA PRO A 557 -33.07 20.53 11.55
C PRO A 557 -32.04 21.43 12.25
N LEU A 558 -30.76 21.04 12.26
CA LEU A 558 -29.74 21.76 13.06
C LEU A 558 -29.15 23.02 12.40
N CYS A 559 -28.18 23.67 13.06
CA CYS A 559 -27.65 24.96 12.57
C CYS A 559 -26.19 25.34 12.88
N ALA A 560 -25.38 25.40 11.81
CA ALA A 560 -23.95 25.73 11.88
C ALA A 560 -23.69 27.19 11.53
N ILE A 561 -22.94 27.86 12.40
CA ILE A 561 -22.75 29.30 12.32
C ILE A 561 -21.28 29.72 12.59
N GLY A 562 -20.78 30.59 11.71
CA GLY A 562 -19.44 31.12 11.83
C GLY A 562 -19.52 32.61 11.88
N LEU A 563 -19.04 33.15 12.99
CA LEU A 563 -19.18 34.54 13.38
C LEU A 563 -17.91 35.31 13.26
N TRP A 564 -18.00 36.60 13.52
CA TRP A 564 -17.09 37.56 12.97
C TRP A 564 -16.16 38.31 13.88
N THR A 565 -16.17 38.16 15.18
CA THR A 565 -15.31 39.07 15.90
C THR A 565 -14.65 38.38 17.02
N ASP A 566 -15.41 37.44 17.52
CA ASP A 566 -14.99 36.47 18.53
C ASP A 566 -14.48 35.17 17.89
N ILE A 567 -14.54 35.11 16.56
CA ILE A 567 -13.99 34.01 15.76
C ILE A 567 -14.49 32.66 16.26
N SER A 568 -15.76 32.38 16.00
CA SER A 568 -16.38 31.21 16.56
C SER A 568 -17.34 30.52 15.64
N ALA A 569 -17.52 29.24 15.93
CA ALA A 569 -18.44 28.38 15.25
C ALA A 569 -19.32 27.70 16.32
N ARG A 570 -20.64 27.76 16.10
CA ARG A 570 -21.60 27.42 17.13
C ARG A 570 -22.67 26.57 16.54
N ILE A 571 -23.32 25.79 17.39
CA ILE A 571 -24.33 24.84 17.01
C ILE A 571 -25.72 25.20 17.49
N LEU A 572 -26.61 25.58 16.57
CA LEU A 572 -27.97 25.97 16.94
C LEU A 572 -29.04 25.14 16.25
N LYS A 573 -30.22 25.74 16.08
CA LYS A 573 -31.35 25.10 15.42
C LYS A 573 -31.92 26.04 14.36
N LEU A 574 -32.75 25.51 13.46
CA LEU A 574 -33.23 26.32 12.35
C LEU A 574 -34.39 25.64 11.63
N PRO A 575 -35.58 26.14 11.96
CA PRO A 575 -35.77 27.33 12.82
C PRO A 575 -34.66 27.79 13.80
N SER A 576 -34.78 27.33 15.05
CA SER A 576 -34.33 27.96 16.29
C SER A 576 -33.28 29.06 16.45
N PHE A 577 -32.02 28.65 16.62
CA PHE A 577 -30.94 29.61 16.77
C PHE A 577 -30.42 29.62 18.20
N GLU A 578 -31.08 28.88 19.08
CA GLU A 578 -30.68 28.80 20.48
C GLU A 578 -29.22 28.37 20.63
N LEU A 579 -28.61 28.75 21.74
CA LEU A 579 -27.22 28.40 22.01
C LEU A 579 -27.10 26.99 22.59
N LEU A 580 -26.13 26.23 22.09
CA LEU A 580 -25.91 24.87 22.56
C LEU A 580 -24.43 24.63 22.86
N HIS A 581 -23.57 25.04 21.92
CA HIS A 581 -22.11 24.88 22.08
C HIS A 581 -21.37 25.98 21.33
N LYS A 582 -20.69 26.87 22.04
CA LYS A 582 -19.82 27.84 21.37
C LYS A 582 -18.35 27.40 21.44
N GLU A 583 -17.74 27.28 20.26
CA GLU A 583 -16.36 26.90 20.16
C GLU A 583 -15.55 28.10 19.72
N MET A 584 -14.73 28.60 20.64
CA MET A 584 -13.79 29.65 20.31
C MET A 584 -12.69 29.08 19.42
N LEU A 585 -12.55 29.63 18.21
CA LEU A 585 -11.49 29.14 17.32
C LEU A 585 -10.15 29.86 17.57
N GLY A 586 -10.22 30.98 18.27
CA GLY A 586 -9.02 31.72 18.65
C GLY A 586 -8.38 32.42 17.48
N GLY A 587 -7.20 32.98 17.71
CA GLY A 587 -6.48 33.73 16.67
C GLY A 587 -7.25 34.96 16.21
N GLU A 588 -7.11 35.28 14.91
CA GLU A 588 -7.66 36.53 14.36
C GLU A 588 -8.22 36.48 12.92
N ILE A 589 -8.35 35.30 12.33
CA ILE A 589 -8.95 35.17 10.98
C ILE A 589 -10.41 34.66 11.05
N ILE A 590 -11.34 35.31 10.35
CA ILE A 590 -12.72 34.85 10.47
C ILE A 590 -12.95 33.55 9.68
N PRO A 591 -13.86 32.67 10.17
CA PRO A 591 -14.33 31.50 9.45
C PRO A 591 -14.84 31.91 8.06
N ARG A 592 -14.66 31.06 7.05
CA ARG A 592 -15.06 31.40 5.70
C ARG A 592 -16.14 30.46 5.18
N SER A 593 -16.07 29.19 5.58
CA SER A 593 -17.11 28.22 5.27
C SER A 593 -17.31 27.29 6.43
N ILE A 594 -18.54 26.77 6.56
CA ILE A 594 -18.87 25.84 7.64
C ILE A 594 -19.69 24.62 7.15
N LEU A 595 -19.33 23.43 7.63
CA LEU A 595 -19.96 22.22 7.12
C LEU A 595 -20.04 21.09 8.14
N MET A 596 -21.24 20.51 8.25
CA MET A 596 -21.47 19.18 8.84
C MET A 596 -21.94 18.20 7.75
N THR A 597 -21.51 16.94 7.80
CA THR A 597 -21.80 16.03 6.67
C THR A 597 -22.03 14.54 6.93
N THR A 598 -22.90 13.96 6.10
CA THR A 598 -23.06 12.52 6.02
C THR A 598 -21.83 11.95 5.34
N PHE A 599 -20.97 11.29 6.12
CA PHE A 599 -19.93 10.47 5.54
C PHE A 599 -20.62 9.22 4.95
N GLU A 600 -20.82 8.21 5.79
CA GLU A 600 -21.70 7.08 5.47
C GLU A 600 -22.45 6.71 6.73
N SER A 601 -21.72 6.63 7.84
CA SER A 601 -22.27 6.36 9.16
C SER A 601 -21.40 7.01 10.26
N SER A 602 -21.68 8.28 10.55
CA SER A 602 -21.01 9.12 11.57
C SER A 602 -20.93 10.58 11.11
N HIS A 603 -20.92 11.51 12.07
CA HIS A 603 -20.99 12.95 11.74
C HIS A 603 -19.93 13.84 12.43
N TYR A 604 -19.62 14.97 11.79
CA TYR A 604 -18.49 15.84 12.16
C TYR A 604 -18.82 17.31 11.88
N LEU A 605 -18.00 18.20 12.41
CA LEU A 605 -18.03 19.58 11.96
C LEU A 605 -16.67 20.03 11.41
N LEU A 606 -16.71 20.80 10.32
CA LEU A 606 -15.55 21.32 9.61
C LEU A 606 -15.73 22.85 9.34
N CYS A 607 -14.65 23.58 9.59
CA CYS A 607 -14.67 25.01 9.45
C CYS A 607 -13.35 25.45 8.85
N ALA A 608 -13.46 26.22 7.76
CA ALA A 608 -12.32 26.73 7.02
C ALA A 608 -12.12 28.17 7.41
N LEU A 609 -10.97 28.47 8.01
CA LEU A 609 -10.63 29.86 8.27
C LEU A 609 -10.12 30.43 6.98
N GLY A 610 -9.99 31.75 6.91
CA GLY A 610 -9.43 32.41 5.72
C GLY A 610 -7.92 32.39 5.57
N ASP A 611 -7.22 31.69 6.45
CA ASP A 611 -5.76 31.64 6.34
C ASP A 611 -5.33 30.47 5.48
N GLY A 612 -6.17 29.44 5.44
CA GLY A 612 -5.84 28.24 4.73
C GLY A 612 -6.09 27.03 5.60
N ALA A 613 -6.12 27.25 6.91
CA ALA A 613 -6.33 26.16 7.85
C ALA A 613 -7.79 25.68 7.84
N LEU A 614 -8.01 24.54 8.47
CA LEU A 614 -9.32 24.00 8.67
C LEU A 614 -9.32 23.26 10.00
N PHE A 615 -10.41 23.41 10.74
CA PHE A 615 -10.61 22.65 11.97
C PHE A 615 -11.67 21.60 11.73
N TYR A 616 -11.65 20.54 12.53
CA TYR A 616 -12.73 19.56 12.50
C TYR A 616 -13.00 18.90 13.85
N PHE A 617 -14.30 18.64 14.10
CA PHE A 617 -14.79 18.21 15.42
C PHE A 617 -15.67 16.95 15.37
N GLY A 618 -16.05 16.43 16.54
CA GLY A 618 -17.02 15.34 16.64
C GLY A 618 -18.46 15.78 16.88
N LEU A 619 -19.16 16.13 15.80
CA LEU A 619 -20.56 16.52 15.90
C LEU A 619 -21.50 15.31 15.94
N ASN A 620 -22.73 15.49 15.46
CA ASN A 620 -23.85 14.54 15.57
C ASN A 620 -25.15 15.22 15.13
N ILE A 621 -25.72 14.78 14.00
CA ILE A 621 -26.85 15.51 13.39
C ILE A 621 -28.19 15.47 14.13
N GLU A 622 -28.25 14.84 15.30
CA GLU A 622 -29.52 14.68 16.02
C GLU A 622 -29.59 15.34 17.41
N THR A 623 -28.52 15.22 18.22
CA THR A 623 -28.50 15.88 19.53
C THR A 623 -28.16 17.35 19.35
N GLY A 624 -26.88 17.63 19.11
CA GLY A 624 -26.35 18.98 18.95
C GLY A 624 -25.30 19.35 19.99
N LEU A 625 -24.08 18.85 19.80
CA LEU A 625 -22.98 19.07 20.75
C LEU A 625 -21.63 18.63 20.15
N LEU A 626 -20.62 19.48 20.28
CA LEU A 626 -19.32 19.24 19.66
C LEU A 626 -18.40 18.45 20.59
N SER A 627 -17.31 17.90 20.04
CA SER A 627 -16.36 17.03 20.77
C SER A 627 -14.87 17.22 20.39
N ASP A 628 -14.36 16.26 19.60
CA ASP A 628 -12.93 16.18 19.24
C ASP A 628 -12.44 17.45 18.56
N ARG A 629 -11.16 17.74 18.69
CA ARG A 629 -10.57 18.90 18.00
C ARG A 629 -9.32 18.52 17.23
N LYS A 630 -9.18 19.12 16.05
CA LYS A 630 -8.02 18.90 15.19
C LYS A 630 -7.87 20.08 14.23
N LYS A 631 -6.64 20.32 13.81
CA LYS A 631 -6.34 21.42 12.92
C LYS A 631 -5.49 20.88 11.79
N VAL A 632 -5.75 21.38 10.58
CA VAL A 632 -5.05 20.93 9.41
C VAL A 632 -5.13 22.04 8.39
N THR A 633 -3.98 22.48 7.89
CA THR A 633 -3.93 23.55 6.87
C THR A 633 -3.93 23.02 5.42
N LEU A 634 -4.67 23.68 4.55
CA LEU A 634 -4.58 23.35 3.14
C LEU A 634 -3.96 24.52 2.40
N GLY A 635 -4.83 25.36 1.82
CA GLY A 635 -4.40 26.50 1.02
C GLY A 635 -3.71 27.59 1.82
N THR A 636 -3.28 28.62 1.12
CA THR A 636 -2.77 29.84 1.74
C THR A 636 -3.85 30.90 1.60
N GLN A 637 -4.85 30.59 0.77
CA GLN A 637 -6.02 31.44 0.59
C GLN A 637 -7.25 30.88 1.36
N PRO A 638 -8.26 31.74 1.61
CA PRO A 638 -9.48 31.23 2.27
C PRO A 638 -10.11 30.02 1.56
N THR A 639 -10.20 28.90 2.26
CA THR A 639 -10.74 27.69 1.66
C THR A 639 -12.28 27.68 1.54
N VAL A 640 -12.79 27.19 0.40
CA VAL A 640 -14.26 27.05 0.17
C VAL A 640 -14.74 25.61 -0.02
N LEU A 641 -15.71 25.22 0.81
CA LEU A 641 -16.18 23.83 0.93
C LEU A 641 -17.42 23.47 0.10
N ARG A 642 -17.62 22.17 -0.11
CA ARG A 642 -18.77 21.65 -0.85
C ARG A 642 -18.73 20.13 -0.76
N THR A 643 -19.91 19.52 -0.72
CA THR A 643 -20.08 18.07 -0.68
C THR A 643 -20.26 17.57 -2.11
N PHE A 644 -19.83 16.34 -2.36
CA PHE A 644 -20.18 15.63 -3.57
C PHE A 644 -20.30 14.13 -3.29
N ARG A 645 -21.18 13.47 -4.06
CA ARG A 645 -21.27 12.00 -4.09
C ARG A 645 -20.82 11.54 -5.47
N SER A 646 -19.77 10.72 -5.51
CA SER A 646 -19.23 10.22 -6.78
C SER A 646 -19.63 8.74 -7.02
N LEU A 647 -19.24 7.86 -6.09
CA LEU A 647 -19.77 6.49 -6.07
C LEU A 647 -21.04 6.48 -5.18
N SER A 648 -21.13 5.55 -4.23
CA SER A 648 -22.21 5.52 -3.26
C SER A 648 -21.99 6.60 -2.21
N THR A 649 -20.73 6.87 -1.91
CA THR A 649 -20.34 7.66 -0.74
C THR A 649 -20.16 9.16 -1.02
N THR A 650 -20.16 9.94 0.06
CA THR A 650 -20.15 11.41 -0.02
C THR A 650 -18.89 12.00 0.63
N ASN A 651 -18.10 12.71 -0.17
CA ASN A 651 -16.94 13.45 0.36
C ASN A 651 -17.08 14.96 0.22
N VAL A 652 -16.05 15.64 0.66
CA VAL A 652 -16.02 17.08 0.63
C VAL A 652 -14.91 17.54 -0.32
N PHE A 653 -15.29 18.33 -1.33
CA PHE A 653 -14.32 19.04 -2.13
C PHE A 653 -14.00 20.37 -1.45
N ALA A 654 -12.73 20.58 -1.18
CA ALA A 654 -12.25 21.82 -0.62
C ALA A 654 -11.58 22.69 -1.71
N CYS A 655 -12.09 23.90 -1.92
CA CYS A 655 -11.53 24.77 -2.94
C CYS A 655 -10.53 25.73 -2.33
N SER A 656 -9.33 25.83 -2.92
CA SER A 656 -8.23 26.72 -2.47
C SER A 656 -7.08 26.64 -3.45
N ASP A 657 -5.93 27.20 -3.09
CA ASP A 657 -4.82 27.30 -4.03
C ASP A 657 -4.14 25.96 -4.17
N ARG A 658 -4.50 25.07 -3.28
CA ARG A 658 -4.00 23.71 -3.19
C ARG A 658 -5.27 22.85 -2.99
N PRO A 659 -6.04 22.62 -4.09
CA PRO A 659 -7.36 22.00 -4.02
C PRO A 659 -7.31 20.56 -3.49
N THR A 660 -8.14 20.26 -2.50
CA THR A 660 -8.08 18.94 -1.88
C THR A 660 -9.43 18.29 -1.82
N VAL A 661 -9.44 17.03 -1.45
CA VAL A 661 -10.66 16.29 -1.22
C VAL A 661 -10.55 15.67 0.17
N ILE A 662 -11.63 15.81 0.94
CA ILE A 662 -11.66 15.26 2.29
C ILE A 662 -12.28 13.87 2.27
N TYR A 663 -11.53 12.91 2.83
CA TYR A 663 -11.86 11.49 2.82
C TYR A 663 -11.91 10.90 4.21
N SER A 664 -11.87 9.57 4.26
CA SER A 664 -12.00 8.84 5.48
C SER A 664 -11.77 7.35 5.27
N SER A 665 -10.90 6.76 6.08
CA SER A 665 -10.57 5.34 5.98
C SER A 665 -11.69 4.49 6.57
N ASN A 666 -11.47 4.02 7.80
CA ASN A 666 -12.53 3.45 8.62
C ASN A 666 -13.58 4.55 8.80
N HIS A 667 -13.35 5.42 9.78
CA HIS A 667 -13.99 6.72 9.84
C HIS A 667 -13.01 7.79 10.34
N LYS A 668 -11.72 7.47 10.32
CA LYS A 668 -10.68 8.49 10.52
C LYS A 668 -10.43 9.29 9.25
N LEU A 669 -10.07 10.56 9.42
CA LEU A 669 -10.01 11.56 8.32
C LEU A 669 -8.77 11.54 7.42
N VAL A 670 -8.98 11.53 6.10
CA VAL A 670 -7.88 11.61 5.11
C VAL A 670 -7.98 12.85 4.21
N PHE A 671 -6.83 13.45 3.90
CA PHE A 671 -6.75 14.67 3.09
C PHE A 671 -5.82 14.49 1.88
N SER A 672 -6.42 14.34 0.70
CA SER A 672 -5.68 14.09 -0.54
C SER A 672 -5.68 15.29 -1.52
N ASN A 673 -4.54 15.55 -2.13
CA ASN A 673 -4.47 16.55 -3.17
C ASN A 673 -5.35 16.25 -4.39
N VAL A 674 -5.71 17.33 -5.08
CA VAL A 674 -6.31 17.23 -6.40
C VAL A 674 -5.31 17.84 -7.38
N ASN A 675 -5.10 17.18 -8.51
CA ASN A 675 -4.08 17.60 -9.43
C ASN A 675 -4.54 18.72 -10.36
N LEU A 676 -4.83 19.87 -9.75
CA LEU A 676 -5.15 21.09 -10.50
C LEU A 676 -4.41 22.31 -9.96
N LYS A 677 -4.25 23.27 -10.86
CA LYS A 677 -3.56 24.53 -10.62
C LYS A 677 -4.15 25.22 -9.37
N GLU A 678 -5.34 25.80 -9.53
CA GLU A 678 -6.07 26.45 -8.45
C GLU A 678 -7.55 26.23 -8.71
N VAL A 679 -8.35 26.28 -7.66
CA VAL A 679 -9.81 26.08 -7.79
C VAL A 679 -10.52 26.92 -6.74
N ASN A 680 -11.36 27.82 -7.21
CA ASN A 680 -12.07 28.78 -6.37
C ASN A 680 -13.47 28.31 -5.99
N TYR A 681 -14.29 27.94 -6.97
CA TYR A 681 -15.62 27.37 -6.70
C TYR A 681 -15.82 26.06 -7.45
N MET A 682 -16.78 25.24 -7.02
CA MET A 682 -17.00 23.91 -7.60
C MET A 682 -18.33 23.34 -7.14
N CYS A 683 -18.98 22.59 -8.02
CA CYS A 683 -20.21 21.85 -7.73
C CYS A 683 -20.27 20.55 -8.53
N PRO A 684 -21.00 19.53 -8.01
CA PRO A 684 -21.24 18.26 -8.68
C PRO A 684 -22.17 18.49 -9.85
N LEU A 685 -22.24 17.55 -10.80
CA LEU A 685 -23.06 17.75 -12.01
C LEU A 685 -23.71 16.46 -12.57
N ASN A 686 -24.28 16.55 -13.79
CA ASN A 686 -24.94 15.40 -14.46
C ASN A 686 -25.52 15.75 -15.83
N SER A 687 -24.73 16.43 -16.67
CA SER A 687 -25.27 17.27 -17.75
C SER A 687 -25.58 16.68 -19.15
N ASP A 688 -25.79 17.58 -20.11
CA ASP A 688 -26.20 17.31 -21.50
C ASP A 688 -24.98 17.06 -22.39
N GLY A 689 -24.18 18.11 -22.58
CA GLY A 689 -22.93 17.99 -23.30
C GLY A 689 -21.77 17.50 -22.43
N TYR A 690 -21.98 17.45 -21.11
CA TYR A 690 -20.94 16.99 -20.17
C TYR A 690 -21.47 16.20 -18.95
N PRO A 691 -22.06 15.00 -19.18
CA PRO A 691 -22.73 14.16 -18.14
C PRO A 691 -21.86 13.74 -16.97
N ASP A 692 -22.45 13.05 -15.98
CA ASP A 692 -21.89 12.89 -14.61
C ASP A 692 -20.46 13.41 -14.40
N SER A 693 -20.35 14.44 -13.56
CA SER A 693 -19.24 15.38 -13.64
C SER A 693 -19.12 16.24 -12.37
N LEU A 694 -18.36 17.32 -12.53
CA LEU A 694 -18.01 18.29 -11.51
C LEU A 694 -17.69 19.61 -12.26
N ALA A 695 -18.37 20.69 -11.86
CA ALA A 695 -18.10 21.99 -12.45
C ALA A 695 -16.94 22.59 -11.68
N LEU A 696 -16.04 23.32 -12.34
CA LEU A 696 -14.96 23.95 -11.59
C LEU A 696 -14.65 25.38 -11.95
N ALA A 697 -14.88 26.28 -11.01
CA ALA A 697 -14.52 27.68 -11.19
C ALA A 697 -13.11 27.89 -10.72
N ASN A 698 -12.25 28.32 -11.63
CA ASN A 698 -10.86 28.55 -11.28
C ASN A 698 -10.42 29.98 -11.42
N ASN A 699 -9.14 30.23 -11.18
CA ASN A 699 -8.51 31.56 -11.25
C ASN A 699 -9.21 32.52 -12.22
N SER A 700 -9.05 32.28 -13.52
CA SER A 700 -9.73 33.02 -14.58
C SER A 700 -9.99 32.12 -15.80
N THR A 701 -10.56 30.96 -15.55
CA THR A 701 -11.06 30.04 -16.57
C THR A 701 -12.26 29.35 -15.95
N LEU A 702 -12.91 28.44 -16.69
CA LEU A 702 -13.85 27.50 -16.08
C LEU A 702 -13.65 26.13 -16.73
N THR A 703 -14.19 25.11 -16.08
CA THR A 703 -13.90 23.73 -16.46
C THR A 703 -14.97 22.76 -15.98
N ILE A 704 -15.05 21.62 -16.67
CA ILE A 704 -15.97 20.55 -16.38
C ILE A 704 -15.35 19.24 -16.85
N GLY A 705 -15.47 18.19 -16.02
CA GLY A 705 -14.90 16.88 -16.30
C GLY A 705 -15.22 15.90 -15.18
N THR A 706 -14.82 14.63 -15.34
CA THR A 706 -15.10 13.64 -14.30
C THR A 706 -13.93 13.52 -13.33
N ILE A 707 -14.05 12.62 -12.36
CA ILE A 707 -13.06 12.58 -11.30
C ILE A 707 -12.53 11.16 -10.94
N ASP A 708 -11.27 11.13 -10.53
CA ASP A 708 -10.46 9.94 -10.33
C ASP A 708 -10.93 9.11 -9.15
N GLU A 709 -10.24 8.00 -8.89
CA GLU A 709 -10.53 7.13 -7.75
C GLU A 709 -10.80 7.90 -6.46
N ILE A 710 -9.92 7.74 -5.47
CA ILE A 710 -10.14 8.29 -4.16
C ILE A 710 -8.77 8.46 -3.51
N GLN A 711 -8.14 7.32 -3.22
CA GLN A 711 -6.87 7.21 -2.50
C GLN A 711 -5.89 8.37 -2.63
N LYS A 712 -4.93 8.43 -1.72
CA LYS A 712 -3.77 9.32 -1.87
C LYS A 712 -3.01 8.93 -3.16
N LEU A 713 -2.83 7.62 -3.36
CA LEU A 713 -2.18 7.11 -4.58
C LEU A 713 -3.13 6.54 -5.62
N HIS A 714 -2.91 6.92 -6.86
CA HIS A 714 -3.55 6.31 -8.01
C HIS A 714 -2.68 5.15 -8.53
N ILE A 715 -3.29 4.00 -8.83
CA ILE A 715 -2.57 2.83 -9.33
C ILE A 715 -3.15 2.13 -10.62
N ARG A 716 -2.36 2.05 -11.69
CA ARG A 716 -2.86 1.62 -13.02
C ARG A 716 -3.06 0.11 -13.28
N THR A 717 -2.00 -0.69 -13.23
CA THR A 717 -2.08 -2.17 -13.46
C THR A 717 -2.18 -2.66 -14.89
N VAL A 718 -1.08 -3.17 -15.43
CA VAL A 718 -1.02 -3.72 -16.78
C VAL A 718 -0.66 -5.17 -16.54
N PRO A 719 -1.66 -6.07 -16.54
CA PRO A 719 -1.40 -7.51 -16.30
C PRO A 719 -0.45 -8.10 -17.34
N LEU A 720 0.40 -9.06 -16.97
CA LEU A 720 1.31 -9.68 -17.93
C LEU A 720 1.24 -11.21 -18.03
N TYR A 721 0.75 -11.87 -17.01
CA TYR A 721 0.72 -13.36 -16.99
C TYR A 721 2.08 -14.04 -17.09
N GLU A 722 3.17 -13.30 -16.83
CA GLU A 722 4.52 -13.85 -16.69
C GLU A 722 5.33 -12.90 -15.83
N SER A 723 6.51 -13.35 -15.37
CA SER A 723 7.39 -12.61 -14.46
C SER A 723 8.14 -11.38 -15.01
N PRO A 724 7.71 -10.15 -14.69
CA PRO A 724 8.53 -9.01 -15.19
C PRO A 724 9.75 -8.83 -14.29
N ARG A 725 10.92 -8.60 -14.87
CA ARG A 725 12.14 -8.57 -14.08
C ARG A 725 12.95 -7.27 -14.12
N LYS A 726 12.98 -6.55 -15.24
CA LYS A 726 13.67 -5.27 -15.23
C LYS A 726 12.93 -4.29 -16.10
N ILE A 727 13.12 -3.00 -15.89
CA ILE A 727 12.39 -2.03 -16.69
C ILE A 727 13.20 -0.76 -16.94
N CYS A 728 13.14 -0.29 -18.19
CA CYS A 728 13.72 1.02 -18.60
C CYS A 728 12.77 1.76 -19.52
N TYR A 729 12.73 3.07 -19.32
CA TYR A 729 12.05 3.98 -20.23
C TYR A 729 12.98 4.54 -21.30
N GLN A 730 12.55 4.45 -22.58
CA GLN A 730 13.21 5.15 -23.68
C GLN A 730 12.25 6.23 -24.25
N GLU A 731 12.52 7.50 -23.92
CA GLU A 731 11.67 8.64 -24.32
C GLU A 731 11.56 8.84 -25.83
N VAL A 732 12.70 8.71 -26.53
CA VAL A 732 12.73 8.98 -27.96
C VAL A 732 11.87 7.96 -28.65
N SER A 733 11.80 6.78 -28.05
CA SER A 733 10.98 5.73 -28.62
C SER A 733 9.59 5.88 -28.06
N GLN A 734 9.47 6.63 -26.97
CA GLN A 734 8.19 6.81 -26.29
C GLN A 734 7.66 5.44 -25.98
N CYS A 735 8.49 4.58 -25.38
CA CYS A 735 8.02 3.29 -24.86
C CYS A 735 8.91 2.74 -23.75
N PHE A 736 8.47 1.67 -23.09
CA PHE A 736 9.29 1.05 -22.06
C PHE A 736 9.89 -0.27 -22.55
N GLY A 737 11.17 -0.50 -22.24
CA GLY A 737 11.76 -1.85 -22.43
C GLY A 737 11.58 -2.65 -21.16
N VAL A 738 11.06 -3.88 -21.26
CA VAL A 738 10.85 -4.68 -20.05
C VAL A 738 11.25 -6.12 -20.22
N LEU A 739 12.02 -6.60 -19.25
CA LEU A 739 12.57 -7.94 -19.31
C LEU A 739 11.64 -8.91 -18.66
N SER A 740 11.23 -9.96 -19.33
CA SER A 740 10.28 -10.85 -18.70
C SER A 740 10.70 -12.28 -18.83
N SER A 741 10.06 -13.16 -18.07
CA SER A 741 10.37 -14.57 -18.12
C SER A 741 9.10 -15.36 -18.08
N ARG A 742 9.01 -16.42 -18.88
CA ARG A 742 7.80 -17.25 -18.84
C ARG A 742 8.21 -18.69 -18.60
N ILE A 743 7.34 -19.45 -17.94
CA ILE A 743 7.63 -20.86 -17.69
C ILE A 743 7.01 -21.74 -18.79
N GLU A 744 7.76 -22.78 -19.18
CA GLU A 744 7.25 -23.85 -20.04
C GLU A 744 7.69 -25.19 -19.49
N VAL A 745 6.84 -26.19 -19.66
CA VAL A 745 7.13 -27.56 -19.22
C VAL A 745 7.64 -28.46 -20.35
N GLN A 746 8.02 -29.69 -19.96
CA GLN A 746 8.46 -30.75 -20.87
C GLN A 746 7.31 -31.08 -21.82
N ASP A 747 7.66 -31.30 -23.08
CA ASP A 747 6.67 -31.73 -24.06
C ASP A 747 6.68 -33.25 -24.11
N THR A 748 5.67 -33.82 -24.78
CA THR A 748 5.69 -35.25 -25.09
C THR A 748 6.89 -35.54 -25.97
N SER A 749 7.21 -34.61 -26.86
CA SER A 749 8.36 -34.73 -27.74
C SER A 749 9.60 -33.98 -27.21
N GLY A 750 9.77 -34.00 -25.89
CA GLY A 750 10.93 -33.40 -25.25
C GLY A 750 11.03 -31.89 -25.34
N GLY A 751 10.18 -31.29 -26.19
CA GLY A 751 10.18 -29.84 -26.39
C GLY A 751 9.62 -29.08 -25.21
N THR A 752 9.40 -27.79 -25.41
CA THR A 752 8.75 -26.92 -24.40
C THR A 752 7.62 -26.07 -25.00
N THR A 753 6.52 -25.90 -24.28
CA THR A 753 5.39 -25.17 -24.85
C THR A 753 4.94 -23.93 -24.09
N ALA A 754 4.36 -24.08 -22.89
CA ALA A 754 3.73 -22.95 -22.15
C ALA A 754 2.35 -23.27 -21.57
N LEU A 755 2.17 -22.96 -20.30
CA LEU A 755 0.88 -23.25 -19.65
C LEU A 755 -0.28 -22.30 -19.98
N ARG A 756 0.02 -21.13 -20.55
CA ARG A 756 -0.97 -20.08 -20.78
C ARG A 756 -0.40 -18.99 -21.68
N PRO A 757 -1.29 -18.14 -22.22
CA PRO A 757 -0.86 -17.02 -23.05
C PRO A 757 -0.22 -15.96 -22.18
N SER A 758 0.99 -15.57 -22.52
CA SER A 758 1.71 -14.59 -21.74
C SER A 758 1.85 -13.40 -22.65
N ALA A 759 2.16 -12.27 -22.04
CA ALA A 759 2.52 -11.09 -22.73
C ALA A 759 3.58 -11.29 -23.83
N SER A 760 4.49 -12.23 -23.67
CA SER A 760 5.54 -12.44 -24.67
C SER A 760 5.09 -13.37 -25.83
N THR A 761 3.93 -13.98 -25.67
CA THR A 761 3.39 -14.85 -26.68
C THR A 761 2.30 -14.12 -27.41
N GLN A 762 1.77 -13.06 -26.81
CA GLN A 762 0.57 -12.43 -27.34
C GLN A 762 0.95 -11.06 -27.84
N ALA A 763 2.25 -10.87 -27.96
CA ALA A 763 2.84 -9.60 -28.37
C ALA A 763 2.55 -9.33 -29.85
N LEU A 764 2.34 -8.06 -30.17
CA LEU A 764 1.86 -7.68 -31.50
C LEU A 764 2.83 -8.07 -32.63
N SER A 765 4.10 -7.71 -32.48
CA SER A 765 5.15 -8.19 -33.38
C SER A 765 6.09 -9.02 -32.53
N SER A 766 6.77 -9.99 -33.12
CA SER A 766 7.68 -10.82 -32.34
C SER A 766 8.96 -11.19 -33.10
N SER A 767 9.94 -11.72 -32.38
CA SER A 767 11.25 -12.03 -32.97
C SER A 767 12.08 -12.89 -32.03
N VAL A 768 13.10 -13.55 -32.57
CA VAL A 768 13.86 -14.61 -31.89
C VAL A 768 15.37 -14.39 -32.13
N SER A 769 16.21 -15.09 -31.35
CA SER A 769 17.64 -14.79 -31.38
C SER A 769 18.39 -15.64 -32.39
N SER A 770 18.92 -14.98 -33.42
CA SER A 770 19.62 -15.62 -34.52
C SER A 770 21.11 -15.63 -34.26
N SER A 771 21.50 -15.61 -33.00
CA SER A 771 22.90 -15.73 -32.65
C SER A 771 23.30 -17.20 -32.70
N LYS A 772 24.57 -17.44 -33.08
CA LYS A 772 25.07 -18.77 -33.41
C LYS A 772 26.38 -19.06 -32.67
N LEU A 773 26.60 -18.34 -31.57
CA LEU A 773 27.77 -18.56 -30.72
C LEU A 773 27.63 -19.84 -29.92
N PHE A 774 27.02 -19.75 -28.75
CA PHE A 774 26.86 -20.87 -27.85
C PHE A 774 26.13 -22.02 -28.55
N SER A 775 26.89 -22.86 -29.25
CA SER A 775 26.33 -24.00 -29.97
C SER A 775 27.35 -25.14 -30.07
N SER A 776 27.26 -26.05 -29.10
CA SER A 776 28.17 -27.19 -28.98
C SER A 776 27.49 -28.33 -28.20
N GLY A 786 7.49 -33.91 -17.42
CA GLY A 786 7.44 -33.10 -16.21
C GLY A 786 8.77 -32.44 -15.93
N GLU A 787 9.06 -31.40 -16.69
CA GLU A 787 10.34 -30.69 -16.62
C GLU A 787 10.11 -29.20 -16.85
N GLU A 788 10.63 -28.35 -15.95
CA GLU A 788 10.42 -26.90 -16.07
C GLU A 788 11.57 -26.11 -16.68
N VAL A 789 11.21 -25.10 -17.46
CA VAL A 789 12.18 -24.23 -18.09
C VAL A 789 11.69 -22.75 -18.22
N GLU A 790 12.62 -21.80 -18.04
CA GLU A 790 12.31 -20.38 -18.18
C GLU A 790 12.63 -19.86 -19.59
N VAL A 791 11.66 -19.40 -20.33
CA VAL A 791 11.99 -18.78 -21.57
C VAL A 791 12.07 -17.29 -21.18
N HIS A 792 13.12 -16.58 -21.59
CA HIS A 792 13.31 -15.12 -21.29
C HIS A 792 13.18 -14.20 -22.51
N ASN A 793 12.57 -13.01 -22.32
CA ASN A 793 12.23 -12.12 -23.42
C ASN A 793 12.58 -10.68 -23.11
N LEU A 794 12.65 -9.83 -24.14
CA LEU A 794 12.67 -8.41 -23.95
C LEU A 794 11.45 -7.77 -24.62
N LEU A 795 10.52 -7.28 -23.80
CA LEU A 795 9.25 -6.70 -24.22
C LEU A 795 9.35 -5.21 -24.59
N ILE A 796 8.59 -4.79 -25.62
CA ILE A 796 8.55 -3.37 -25.95
C ILE A 796 7.17 -2.85 -25.68
N ILE A 797 7.00 -2.14 -24.58
CA ILE A 797 5.66 -1.78 -24.12
C ILE A 797 5.43 -0.35 -24.55
N ASP A 798 4.27 -0.09 -25.14
CA ASP A 798 3.95 1.26 -25.54
C ASP A 798 3.71 2.15 -24.33
N GLN A 799 3.98 3.43 -24.52
CA GLN A 799 4.01 4.36 -23.42
C GLN A 799 2.64 4.81 -22.94
N HIS A 800 1.70 5.00 -23.86
CA HIS A 800 0.35 5.43 -23.52
C HIS A 800 -0.69 4.27 -23.41
N THR A 801 -0.62 3.32 -24.34
CA THR A 801 -1.62 2.27 -24.45
C THR A 801 -1.23 1.05 -23.62
N PHE A 802 0.06 1.02 -23.28
CA PHE A 802 0.69 -0.09 -22.54
C PHE A 802 0.41 -1.45 -23.19
N GLU A 803 0.31 -1.45 -24.52
CA GLU A 803 0.30 -2.72 -25.24
C GLU A 803 1.68 -3.23 -25.60
N VAL A 804 1.78 -4.54 -25.69
CA VAL A 804 3.07 -5.13 -26.00
C VAL A 804 3.37 -5.04 -27.51
N LEU A 805 4.10 -4.01 -27.91
CA LEU A 805 4.36 -3.78 -29.31
C LEU A 805 5.25 -4.87 -29.90
N HIS A 806 6.28 -5.30 -29.16
CA HIS A 806 7.21 -6.33 -29.67
C HIS A 806 7.78 -7.26 -28.57
N ALA A 807 8.06 -8.50 -28.94
CA ALA A 807 8.66 -9.47 -28.04
C ALA A 807 9.82 -10.23 -28.68
N HIS A 808 11.02 -10.01 -28.15
CA HIS A 808 12.20 -10.71 -28.65
C HIS A 808 12.54 -11.86 -27.74
N GLN A 809 12.69 -13.05 -28.26
CA GLN A 809 13.06 -14.15 -27.39
C GLN A 809 14.56 -14.35 -27.38
N PHE A 810 15.07 -14.88 -26.28
CA PHE A 810 16.49 -15.04 -26.14
C PHE A 810 16.83 -16.49 -26.41
N LEU A 811 18.12 -16.84 -26.43
CA LEU A 811 18.52 -18.24 -26.69
C LEU A 811 17.92 -19.13 -25.62
N GLN A 812 17.75 -20.40 -25.96
CA GLN A 812 17.35 -21.38 -24.96
C GLN A 812 18.38 -21.33 -23.82
N ASN A 813 17.88 -21.23 -22.59
CA ASN A 813 18.69 -21.21 -21.35
C ASN A 813 19.47 -19.92 -21.09
N GLU A 814 19.08 -18.89 -21.80
CA GLU A 814 19.70 -17.62 -21.64
C GLU A 814 18.82 -16.76 -20.75
N TYR A 815 19.31 -16.41 -19.56
CA TYR A 815 18.56 -15.55 -18.65
C TYR A 815 18.95 -14.07 -18.86
N ALA A 816 17.96 -13.19 -18.90
CA ALA A 816 18.27 -11.78 -18.99
C ALA A 816 18.30 -11.15 -17.58
N LEU A 817 19.43 -10.55 -17.22
CA LEU A 817 19.63 -10.08 -15.86
C LEU A 817 19.59 -8.56 -15.80
N SER A 818 20.17 -7.89 -16.81
CA SER A 818 20.33 -6.44 -16.77
C SER A 818 19.82 -5.73 -18.02
N LEU A 819 19.43 -4.46 -17.87
CA LEU A 819 18.83 -3.73 -18.97
C LEU A 819 19.12 -2.26 -18.89
N VAL A 820 19.65 -1.67 -19.96
CA VAL A 820 19.79 -0.21 -19.99
C VAL A 820 19.25 0.38 -21.30
N SER A 821 18.94 1.67 -21.29
CA SER A 821 18.57 2.41 -22.50
C SER A 821 19.38 3.69 -22.58
N CYS A 822 20.24 3.81 -23.60
CA CYS A 822 21.16 4.95 -23.70
C CYS A 822 21.79 5.21 -25.09
N LYS A 823 22.39 6.38 -25.24
CA LYS A 823 23.33 6.65 -26.33
C LYS A 823 24.74 6.21 -25.92
N LEU A 824 25.57 5.88 -26.90
CA LEU A 824 26.95 5.50 -26.62
C LEU A 824 27.94 6.22 -27.51
N GLY A 825 28.93 6.86 -26.88
CA GLY A 825 29.93 7.71 -27.55
C GLY A 825 29.33 8.57 -28.65
N LYS A 826 29.98 8.58 -29.80
CA LYS A 826 29.64 9.50 -30.85
C LYS A 826 28.39 9.15 -31.68
N ASP A 827 27.81 7.98 -31.45
CA ASP A 827 26.63 7.58 -32.18
C ASP A 827 25.40 8.22 -31.59
N PRO A 828 24.54 8.79 -32.42
CA PRO A 828 23.45 9.57 -31.84
C PRO A 828 22.14 8.80 -31.67
N ASN A 829 22.18 7.49 -31.92
CA ASN A 829 21.05 6.59 -31.66
C ASN A 829 21.03 6.16 -30.20
N THR A 830 19.83 5.75 -29.75
CA THR A 830 19.49 5.15 -28.46
C THR A 830 19.28 3.68 -28.77
N TYR A 831 20.16 2.94 -28.15
CA TYR A 831 20.08 1.53 -28.16
C TYR A 831 19.56 1.20 -26.83
N PHE A 832 18.93 0.08 -26.79
CA PHE A 832 18.70 -0.61 -25.57
C PHE A 832 19.57 -1.78 -25.50
N ILE A 833 20.00 -2.10 -24.30
CA ILE A 833 20.97 -3.13 -24.11
C ILE A 833 20.75 -4.09 -23.03
N VAL A 834 21.02 -5.31 -23.33
CA VAL A 834 20.67 -6.37 -22.38
C VAL A 834 21.86 -7.25 -22.04
N GLY A 835 21.91 -7.74 -20.80
CA GLY A 835 23.07 -8.48 -20.32
C GLY A 835 22.50 -9.77 -19.83
N THR A 836 23.06 -10.89 -20.32
CA THR A 836 22.39 -12.19 -20.16
C THR A 836 23.29 -13.25 -19.54
N ALA A 837 22.75 -14.45 -19.38
CA ALA A 837 23.58 -15.53 -18.89
C ALA A 837 23.10 -16.95 -19.20
N MET A 838 24.03 -17.86 -19.41
CA MET A 838 23.67 -19.22 -19.74
C MET A 838 23.56 -20.05 -18.48
N VAL A 839 22.32 -20.37 -18.17
CA VAL A 839 21.99 -21.05 -16.95
C VAL A 839 21.62 -22.48 -17.25
N TYR A 840 22.33 -23.42 -16.63
CA TYR A 840 21.90 -24.81 -16.63
C TYR A 840 21.70 -25.23 -15.19
N PRO A 841 20.56 -25.89 -14.90
CA PRO A 841 20.22 -26.28 -13.54
C PRO A 841 21.44 -26.84 -12.82
N GLU A 842 22.14 -27.75 -13.49
CA GLU A 842 23.37 -28.36 -12.95
C GLU A 842 24.47 -27.34 -12.55
N GLU A 843 24.92 -26.51 -13.50
CA GLU A 843 26.05 -25.59 -13.30
C GLU A 843 25.88 -24.57 -12.17
N ALA A 844 26.73 -24.64 -11.15
CA ALA A 844 26.67 -23.77 -9.99
C ALA A 844 26.86 -22.29 -10.31
N GLU A 845 27.69 -22.01 -11.33
CA GLU A 845 28.01 -20.63 -11.74
C GLU A 845 27.96 -20.46 -13.26
N PRO A 846 27.25 -19.45 -13.76
CA PRO A 846 27.28 -19.19 -15.21
C PRO A 846 28.70 -18.97 -15.76
N LYS A 847 29.08 -19.80 -16.73
CA LYS A 847 30.37 -19.71 -17.40
C LYS A 847 30.29 -18.81 -18.63
N GLN A 848 29.11 -18.75 -19.22
CA GLN A 848 28.93 -17.94 -20.42
C GLN A 848 27.82 -16.91 -20.27
N GLY A 849 27.77 -15.97 -21.20
CA GLY A 849 26.67 -15.00 -21.28
C GLY A 849 27.03 -13.91 -22.26
N ARG A 850 26.07 -13.04 -22.56
CA ARG A 850 26.34 -11.96 -23.49
C ARG A 850 25.66 -10.64 -23.19
N ILE A 851 26.20 -9.60 -23.80
CA ILE A 851 25.67 -8.27 -23.80
C ILE A 851 25.20 -8.06 -25.21
N VAL A 852 23.93 -7.69 -25.38
CA VAL A 852 23.36 -7.56 -26.70
C VAL A 852 22.90 -6.14 -26.94
N VAL A 853 23.20 -5.58 -28.10
CA VAL A 853 22.85 -4.18 -28.33
C VAL A 853 21.70 -3.97 -29.36
N PHE A 854 20.50 -3.70 -28.86
CA PHE A 854 19.33 -3.61 -29.73
C PHE A 854 19.00 -2.21 -30.26
N GLN A 855 18.24 -2.14 -31.34
CA GLN A 855 17.72 -0.87 -31.80
C GLN A 855 16.26 -1.04 -32.18
N TYR A 856 15.47 -0.12 -31.63
CA TYR A 856 14.08 -0.01 -31.93
C TYR A 856 13.86 1.37 -32.57
N SER A 857 14.38 1.60 -33.76
CA SER A 857 14.14 2.88 -34.43
C SER A 857 12.63 3.03 -34.66
N ASP A 858 12.00 1.90 -34.97
CA ASP A 858 10.58 1.83 -35.22
C ASP A 858 10.18 0.42 -35.64
N GLY A 859 9.00 -0.02 -35.19
CA GLY A 859 8.39 -1.24 -35.67
C GLY A 859 9.04 -2.49 -35.14
N LYS A 860 10.35 -2.64 -35.41
CA LYS A 860 11.04 -3.85 -34.94
C LYS A 860 12.34 -3.63 -34.18
N LEU A 861 12.77 -4.70 -33.51
CA LEU A 861 14.03 -4.75 -32.80
C LEU A 861 15.15 -5.28 -33.68
N GLN A 862 16.15 -4.46 -33.94
CA GLN A 862 17.28 -4.99 -34.66
C GLN A 862 18.44 -5.22 -33.71
N THR A 863 19.07 -6.39 -33.83
CA THR A 863 20.31 -6.71 -33.13
C THR A 863 21.46 -5.97 -33.79
N VAL A 864 22.13 -5.10 -33.05
CA VAL A 864 23.07 -4.18 -33.67
C VAL A 864 24.53 -4.56 -33.37
N ALA A 865 24.73 -5.30 -32.30
CA ALA A 865 26.04 -5.62 -31.81
C ALA A 865 25.79 -6.70 -30.80
N GLU A 866 26.63 -7.71 -30.81
CA GLU A 866 26.59 -8.80 -29.85
C GLU A 866 27.99 -9.09 -29.35
N LYS A 867 28.12 -9.37 -28.06
CA LYS A 867 29.43 -9.47 -27.43
C LYS A 867 29.45 -10.58 -26.41
N GLU A 868 30.24 -11.63 -26.69
CA GLU A 868 30.37 -12.77 -25.79
C GLU A 868 31.08 -12.40 -24.50
N VAL A 869 30.62 -12.94 -23.37
CA VAL A 869 31.35 -12.75 -22.15
C VAL A 869 31.45 -14.06 -21.39
N LYS A 870 32.20 -14.01 -20.28
CA LYS A 870 32.69 -15.20 -19.62
C LYS A 870 31.97 -15.50 -18.31
N GLY A 871 30.82 -14.87 -18.12
CA GLY A 871 30.04 -15.04 -16.90
C GLY A 871 28.74 -14.29 -16.97
N ALA A 872 28.01 -14.31 -15.87
CA ALA A 872 26.67 -13.73 -15.76
C ALA A 872 26.73 -12.22 -15.64
N VAL A 873 26.30 -11.50 -16.67
CA VAL A 873 26.29 -10.01 -16.63
C VAL A 873 25.22 -9.50 -15.69
N TYR A 874 25.57 -9.40 -14.40
CA TYR A 874 24.59 -9.21 -13.33
C TYR A 874 24.00 -7.81 -13.33
N SER A 875 24.69 -6.87 -13.96
CA SER A 875 24.18 -5.52 -14.03
C SER A 875 25.05 -4.60 -14.87
N MET A 876 24.47 -3.52 -15.36
CA MET A 876 25.23 -2.54 -16.11
C MET A 876 24.59 -1.14 -16.11
N VAL A 877 25.40 -0.11 -15.98
CA VAL A 877 24.90 1.25 -16.01
C VAL A 877 25.61 2.08 -17.11
N GLU A 878 24.94 3.07 -17.67
CA GLU A 878 25.63 3.93 -18.62
C GLU A 878 26.66 4.75 -17.82
N PHE A 879 27.83 5.03 -18.39
CA PHE A 879 28.83 5.82 -17.67
C PHE A 879 28.91 7.26 -18.19
N ASN A 880 29.95 7.50 -19.00
CA ASN A 880 30.23 8.82 -19.54
C ASN A 880 30.22 8.68 -21.06
N GLY A 881 29.13 8.14 -21.56
CA GLY A 881 29.08 7.69 -22.93
C GLY A 881 29.88 6.40 -23.16
N LYS A 882 30.11 5.63 -22.10
CA LYS A 882 30.73 4.32 -22.19
C LYS A 882 29.76 3.25 -21.65
N LEU A 883 30.14 1.98 -21.70
CA LEU A 883 29.28 0.99 -21.07
C LEU A 883 29.94 0.32 -19.87
N LEU A 884 29.54 0.76 -18.68
CA LEU A 884 29.97 0.12 -17.45
C LEU A 884 29.13 -1.13 -17.22
N ALA A 885 29.78 -2.22 -16.81
CA ALA A 885 29.08 -3.51 -16.63
C ALA A 885 29.84 -4.47 -15.74
N SER A 886 29.13 -5.33 -15.03
CA SER A 886 29.81 -6.31 -14.21
C SER A 886 29.58 -7.67 -14.81
N ILE A 887 30.53 -8.58 -14.64
CA ILE A 887 30.41 -9.94 -15.15
C ILE A 887 30.96 -10.85 -14.07
N ASN A 888 30.11 -11.67 -13.45
CA ASN A 888 30.56 -12.66 -12.47
C ASN A 888 31.85 -12.20 -11.76
N SER A 889 31.71 -11.34 -10.77
CA SER A 889 32.89 -10.72 -10.09
C SER A 889 33.95 -10.19 -11.06
N THR A 890 33.62 -9.11 -11.77
CA THR A 890 34.56 -8.40 -12.61
C THR A 890 33.75 -7.20 -12.99
N VAL A 891 34.36 -6.02 -13.02
CA VAL A 891 33.67 -4.81 -13.39
C VAL A 891 34.40 -4.21 -14.64
N ARG A 892 33.88 -4.47 -15.83
CA ARG A 892 34.43 -3.89 -17.06
C ARG A 892 33.79 -2.57 -17.48
N LEU A 893 34.51 -1.81 -18.31
CA LEU A 893 34.04 -0.52 -18.81
C LEU A 893 34.28 -0.39 -20.31
N TYR A 894 33.30 -0.88 -21.08
CA TYR A 894 33.39 -1.01 -22.53
C TYR A 894 33.32 0.33 -23.25
N GLU A 895 34.03 0.41 -24.38
CA GLU A 895 33.98 1.58 -25.24
C GLU A 895 33.19 1.20 -26.50
N TRP A 896 32.66 2.21 -27.19
CA TRP A 896 31.81 1.97 -28.32
C TRP A 896 32.44 2.55 -29.57
N THR A 897 33.07 1.68 -30.36
CA THR A 897 33.70 2.05 -31.61
C THR A 897 32.73 2.77 -32.57
N THR A 898 33.28 3.64 -33.42
CA THR A 898 32.52 4.21 -34.53
C THR A 898 32.23 3.11 -35.56
N GLU A 899 32.72 1.91 -35.26
CA GLU A 899 32.58 0.75 -36.13
C GLU A 899 31.56 -0.24 -35.54
N LYS A 900 30.70 0.28 -34.62
CA LYS A 900 29.64 -0.48 -33.87
C LYS A 900 30.04 -1.77 -33.12
N ASP A 901 30.92 -1.65 -32.12
CA ASP A 901 31.27 -2.79 -31.35
C ASP A 901 31.68 -2.33 -29.97
N VAL A 902 31.48 -3.20 -28.98
CA VAL A 902 31.97 -2.91 -27.64
C VAL A 902 33.34 -3.55 -27.45
N ARG A 903 34.36 -2.71 -27.32
CA ARG A 903 35.69 -3.20 -26.98
C ARG A 903 36.03 -2.88 -25.53
N THR A 904 36.76 -3.78 -24.89
CA THR A 904 37.08 -3.66 -23.47
C THR A 904 37.97 -2.45 -23.13
N GLU A 905 37.69 -1.76 -22.03
CA GLU A 905 38.67 -0.86 -21.45
C GLU A 905 39.65 -1.34 -20.41
N CYS A 906 39.17 -1.43 -19.17
CA CYS A 906 39.98 -1.82 -18.01
C CYS A 906 38.90 -2.68 -17.35
N ASN A 907 39.34 -3.50 -16.41
CA ASN A 907 38.41 -4.12 -15.49
C ASN A 907 38.93 -4.28 -14.09
N HIS A 908 38.17 -3.81 -13.10
CA HIS A 908 38.43 -4.12 -11.71
C HIS A 908 38.00 -5.57 -11.50
N TYR A 909 38.71 -6.31 -10.65
CA TYR A 909 38.29 -7.69 -10.35
C TYR A 909 38.44 -8.19 -8.90
N ASN A 910 38.78 -7.26 -8.00
CA ASN A 910 38.83 -7.54 -6.55
C ASN A 910 37.44 -7.47 -5.88
N ASN A 911 36.62 -8.48 -6.13
CA ASN A 911 35.33 -8.59 -5.44
C ASN A 911 34.69 -9.93 -5.66
N ILE A 912 33.92 -10.40 -4.70
CA ILE A 912 33.20 -11.64 -4.83
C ILE A 912 31.80 -11.30 -5.30
N MET A 913 31.45 -11.73 -6.51
CA MET A 913 30.15 -11.41 -7.17
C MET A 913 29.73 -9.92 -7.10
N ALA A 914 29.98 -9.20 -8.19
CA ALA A 914 29.60 -7.79 -8.26
C ALA A 914 28.14 -7.64 -8.75
N LEU A 915 27.19 -7.54 -7.84
CA LEU A 915 25.76 -7.54 -8.25
C LEU A 915 25.15 -6.20 -8.66
N TYR A 916 25.70 -5.12 -8.16
CA TYR A 916 25.00 -3.83 -8.17
C TYR A 916 25.94 -2.66 -8.48
N LEU A 917 25.45 -1.76 -9.33
CA LEU A 917 26.23 -0.68 -9.79
C LEU A 917 25.43 0.63 -9.77
N LYS A 918 26.08 1.72 -9.39
CA LYS A 918 25.51 3.05 -9.55
C LYS A 918 26.65 4.03 -9.83
N THR A 919 26.33 5.22 -10.35
CA THR A 919 27.38 6.06 -10.86
C THR A 919 27.24 7.47 -10.40
N LYS A 920 28.32 7.99 -9.82
CA LYS A 920 28.35 9.38 -9.38
C LYS A 920 28.57 10.18 -10.64
N GLY A 921 27.47 10.41 -11.35
CA GLY A 921 27.40 11.03 -12.69
C GLY A 921 28.74 11.04 -13.38
N ASP A 922 29.65 11.79 -12.74
CA ASP A 922 31.09 11.81 -13.01
C ASP A 922 31.73 10.40 -13.08
N PHE A 923 32.76 10.19 -12.27
CA PHE A 923 33.66 9.07 -12.53
C PHE A 923 33.77 8.08 -11.40
N ILE A 924 33.08 8.33 -10.29
CA ILE A 924 33.05 7.37 -9.18
C ILE A 924 31.88 6.34 -9.25
N LEU A 925 32.00 5.17 -8.59
CA LEU A 925 30.92 4.13 -8.59
C LEU A 925 30.96 3.04 -7.45
N VAL A 926 29.83 2.39 -7.19
CA VAL A 926 29.75 1.37 -6.16
C VAL A 926 29.61 -0.02 -6.78
N GLY A 927 29.62 -1.05 -5.94
CA GLY A 927 29.49 -2.42 -6.40
C GLY A 927 30.27 -3.39 -5.54
N ASP A 928 29.71 -4.58 -5.34
CA ASP A 928 30.37 -5.60 -4.54
C ASP A 928 29.35 -6.39 -3.72
N LEU A 929 29.34 -7.70 -3.89
CA LEU A 929 28.41 -8.57 -3.16
C LEU A 929 29.11 -9.26 -1.99
N MET A 930 28.23 -9.81 -1.14
CA MET A 930 28.53 -10.56 0.10
C MET A 930 29.52 -9.89 1.00
N ARG A 931 30.34 -9.11 0.35
CA ARG A 931 31.35 -8.36 0.99
C ARG A 931 30.39 -7.37 1.50
N SER A 932 30.34 -6.23 0.87
CA SER A 932 29.43 -5.23 1.30
C SER A 932 29.47 -4.27 0.18
N VAL A 933 30.24 -3.23 0.34
CA VAL A 933 30.33 -2.24 -0.69
C VAL A 933 31.72 -1.79 -1.03
N LEU A 934 31.85 -1.06 -2.11
CA LEU A 934 33.15 -0.59 -2.52
C LEU A 934 32.99 0.61 -3.41
N LEU A 935 33.92 1.50 -3.26
CA LEU A 935 33.96 2.82 -3.93
C LEU A 935 35.06 2.64 -4.97
N LEU A 936 34.90 3.28 -6.13
CA LEU A 936 35.80 3.06 -7.25
C LEU A 936 35.69 4.23 -8.21
N ALA A 937 36.84 4.78 -8.62
CA ALA A 937 36.85 5.91 -9.57
C ALA A 937 37.45 5.53 -10.94
N TYR A 938 37.02 6.23 -11.97
CA TYR A 938 37.65 6.05 -13.25
C TYR A 938 38.56 7.22 -13.51
N LYS A 939 39.86 6.92 -13.62
CA LYS A 939 40.88 7.94 -13.86
C LYS A 939 41.01 8.20 -15.35
N PRO A 940 40.54 9.39 -15.81
CA PRO A 940 40.44 9.67 -17.23
C PRO A 940 41.77 9.42 -17.91
N MET A 941 42.80 10.15 -17.48
CA MET A 941 44.13 10.18 -18.12
C MET A 941 44.73 8.79 -18.22
N GLU A 942 44.68 8.06 -17.12
CA GLU A 942 45.20 6.70 -17.02
C GLU A 942 44.38 5.74 -17.87
N GLY A 943 43.15 6.14 -18.18
CA GLY A 943 42.20 5.23 -18.82
C GLY A 943 41.98 4.04 -17.89
N ASN A 944 41.77 4.33 -16.61
CA ASN A 944 41.80 3.28 -15.62
C ASN A 944 40.91 3.39 -14.40
N PHE A 945 40.75 2.22 -13.76
CA PHE A 945 40.01 1.99 -12.54
C PHE A 945 40.99 2.08 -11.37
N GLU A 946 40.61 2.84 -10.35
CA GLU A 946 41.38 2.96 -9.14
C GLU A 946 40.44 2.63 -8.01
N GLU A 947 40.74 1.59 -7.23
CA GLU A 947 39.88 1.26 -6.10
C GLU A 947 40.06 2.26 -4.96
N ILE A 948 39.06 3.11 -4.71
CA ILE A 948 39.26 4.19 -3.74
C ILE A 948 39.12 3.82 -2.28
N ALA A 949 37.98 3.26 -1.91
CA ALA A 949 37.75 2.84 -0.53
C ALA A 949 36.92 1.57 -0.48
N ARG A 950 36.66 1.05 0.71
CA ARG A 950 35.83 -0.14 0.87
C ARG A 950 35.21 -0.21 2.27
N ASP A 951 34.01 -0.77 2.36
CA ASP A 951 33.39 -1.01 3.66
C ASP A 951 33.69 -2.44 3.98
N PHE A 952 34.11 -2.70 5.21
CA PHE A 952 34.53 -4.03 5.55
C PHE A 952 33.53 -4.62 6.51
N ASN A 953 32.31 -4.87 6.04
CA ASN A 953 31.34 -5.61 6.87
C ASN A 953 30.67 -6.74 6.09
N PRO A 954 30.22 -7.79 6.79
CA PRO A 954 29.64 -8.87 6.02
C PRO A 954 28.16 -8.63 5.71
N ASN A 955 27.88 -7.55 5.00
CA ASN A 955 26.50 -7.26 4.52
C ASN A 955 26.20 -7.95 3.20
N TRP A 956 25.19 -8.82 3.19
CA TRP A 956 24.80 -9.44 1.94
C TRP A 956 23.87 -8.44 1.27
N MET A 957 24.36 -7.81 0.23
CA MET A 957 23.69 -6.70 -0.38
C MET A 957 22.43 -7.09 -1.15
N SER A 958 21.45 -6.19 -1.17
CA SER A 958 20.33 -6.34 -2.08
C SER A 958 20.10 -5.08 -2.94
N ALA A 959 20.52 -3.90 -2.46
CA ALA A 959 20.41 -2.66 -3.24
C ALA A 959 21.40 -1.58 -2.85
N VAL A 960 21.63 -0.62 -3.75
CA VAL A 960 22.75 0.30 -3.54
C VAL A 960 22.44 1.63 -4.21
N GLU A 961 22.86 2.73 -3.60
CA GLU A 961 22.57 4.03 -4.19
C GLU A 961 23.55 5.10 -3.74
N ILE A 962 23.92 5.99 -4.66
CA ILE A 962 24.78 7.08 -4.31
C ILE A 962 23.91 8.24 -3.95
N LEU A 963 23.89 8.59 -2.68
CA LEU A 963 23.11 9.72 -2.22
C LEU A 963 23.82 10.94 -2.71
N ASP A 964 25.15 10.98 -2.55
CA ASP A 964 25.94 12.09 -3.04
C ASP A 964 27.39 11.69 -3.15
N ASP A 965 28.24 12.69 -3.34
CA ASP A 965 29.66 12.48 -3.49
C ASP A 965 30.26 11.63 -2.38
N ASP A 966 29.91 11.93 -1.13
CA ASP A 966 30.54 11.28 0.01
C ASP A 966 29.58 10.37 0.79
N ASN A 967 28.34 10.26 0.31
CA ASN A 967 27.35 9.35 0.91
C ASN A 967 26.85 8.22 0.01
N PHE A 968 27.05 6.99 0.49
CA PHE A 968 26.55 5.80 -0.18
C PHE A 968 25.61 4.98 0.70
N LEU A 969 24.43 4.76 0.13
CA LEU A 969 23.30 4.11 0.79
C LEU A 969 23.13 2.68 0.25
N GLY A 970 22.77 1.76 1.14
CA GLY A 970 22.76 0.37 0.83
C GLY A 970 21.78 -0.38 1.73
N ALA A 971 21.16 -1.39 1.13
CA ALA A 971 20.16 -2.26 1.69
C ALA A 971 20.66 -3.70 1.61
N GLU A 972 20.36 -4.45 2.65
CA GLU A 972 21.03 -5.70 2.88
C GLU A 972 20.02 -6.78 3.25
N ASN A 973 20.35 -8.04 2.97
CA ASN A 973 19.41 -9.15 3.14
C ASN A 973 18.80 -9.34 4.51
N ALA A 974 19.03 -8.41 5.41
CA ALA A 974 18.52 -8.58 6.77
C ALA A 974 17.64 -7.40 7.20
N PHE A 975 17.04 -6.75 6.22
CA PHE A 975 16.05 -5.70 6.39
C PHE A 975 16.65 -4.47 7.11
N ASN A 976 17.96 -4.28 6.95
CA ASN A 976 18.64 -3.10 7.48
C ASN A 976 19.08 -2.12 6.37
N LEU A 977 19.10 -0.84 6.69
CA LEU A 977 19.74 0.15 5.83
C LEU A 977 21.03 0.64 6.49
N PHE A 978 21.95 1.20 5.71
CA PHE A 978 23.14 1.84 6.29
C PHE A 978 23.75 2.86 5.34
N VAL A 979 24.58 3.74 5.88
CA VAL A 979 25.22 4.74 5.03
C VAL A 979 26.70 4.75 5.29
N CYS A 980 27.47 4.77 4.21
CA CYS A 980 28.93 4.76 4.28
C CYS A 980 29.45 6.09 3.83
N GLN A 981 30.58 6.46 4.40
CA GLN A 981 31.20 7.75 4.10
C GLN A 981 32.68 7.49 4.09
N LYS A 982 33.42 8.18 3.23
CA LYS A 982 34.88 8.10 3.27
C LYS A 982 35.36 8.97 4.41
N ASP A 983 36.39 8.51 5.12
CA ASP A 983 36.95 9.23 6.26
C ASP A 983 37.51 10.61 5.88
N SER A 984 37.41 11.55 6.82
CA SER A 984 37.87 12.90 6.55
C SER A 984 39.11 13.25 7.39
N ALA A 985 40.13 12.39 7.34
CA ALA A 985 41.33 12.51 8.19
C ALA A 985 42.63 12.03 7.53
N ALA A 986 43.76 12.38 8.13
CA ALA A 986 45.11 12.15 7.58
C ALA A 986 45.47 10.67 7.38
N THR A 987 46.66 10.44 6.79
CA THR A 987 47.20 9.11 6.49
C THR A 987 46.44 8.40 5.36
N THR A 988 46.38 9.06 4.19
CA THR A 988 45.49 8.67 3.08
C THR A 988 45.70 7.28 2.45
N ASP A 989 46.61 6.50 3.03
CA ASP A 989 46.81 5.10 2.64
C ASP A 989 45.92 4.16 3.45
N GLU A 990 45.60 4.55 4.67
CA GLU A 990 44.85 3.69 5.58
C GLU A 990 43.41 4.18 5.81
N GLU A 991 43.27 5.28 6.54
CA GLU A 991 41.97 5.82 6.93
C GLU A 991 41.13 6.33 5.77
N ARG A 992 41.79 6.86 4.73
CA ARG A 992 41.11 7.28 3.52
C ARG A 992 40.82 6.07 2.62
N GLN A 993 41.25 4.90 3.07
CA GLN A 993 41.05 3.64 2.35
C GLN A 993 39.83 2.83 2.85
N HIS A 994 39.50 3.00 4.14
CA HIS A 994 38.30 2.39 4.74
C HIS A 994 37.15 3.41 4.74
N LEU A 995 35.92 2.94 4.66
CA LEU A 995 34.80 3.87 4.75
C LEU A 995 33.84 3.55 5.88
N GLN A 996 33.55 4.56 6.68
CA GLN A 996 32.82 4.35 7.92
C GLN A 996 31.33 4.31 7.72
N GLU A 997 30.72 3.25 8.22
CA GLU A 997 29.27 3.18 8.26
C GLU A 997 28.74 4.22 9.22
N VAL A 998 28.42 5.39 8.67
CA VAL A 998 27.98 6.53 9.46
C VAL A 998 26.48 6.55 9.72
N GLY A 999 25.75 5.59 9.16
CA GLY A 999 24.32 5.47 9.39
C GLY A 999 23.83 4.03 9.50
N LEU A 1000 22.96 3.77 10.46
CA LEU A 1000 22.43 2.42 10.67
C LEU A 1000 20.99 2.49 11.16
N PHE A 1001 20.12 1.67 10.57
CA PHE A 1001 18.68 1.73 10.82
C PHE A 1001 18.03 0.46 10.28
N HIS A 1002 17.10 -0.10 11.04
CA HIS A 1002 16.44 -1.32 10.64
C HIS A 1002 15.06 -1.07 10.02
N LEU A 1003 14.99 -1.24 8.70
CA LEU A 1003 13.74 -1.02 7.92
C LEU A 1003 12.61 -2.01 8.17
N GLY A 1004 12.93 -3.30 8.18
CA GLY A 1004 11.91 -4.31 8.24
C GLY A 1004 11.30 -4.56 6.89
N GLU A 1005 11.94 -4.10 5.82
CA GLU A 1005 11.50 -4.47 4.49
C GLU A 1005 12.70 -4.89 3.66
N PHE A 1006 12.49 -5.78 2.69
CA PHE A 1006 13.57 -6.18 1.79
C PHE A 1006 13.59 -5.24 0.61
N VAL A 1007 14.71 -4.59 0.31
CA VAL A 1007 14.70 -3.58 -0.77
C VAL A 1007 15.28 -4.07 -2.11
N ASN A 1008 14.50 -4.07 -3.18
CA ASN A 1008 15.08 -4.52 -4.47
C ASN A 1008 15.67 -3.44 -5.36
N VAL A 1009 15.10 -2.24 -5.29
CA VAL A 1009 15.52 -1.14 -6.13
C VAL A 1009 15.44 0.20 -5.42
N PHE A 1010 16.54 0.93 -5.45
CA PHE A 1010 16.55 2.36 -5.16
C PHE A 1010 16.58 3.09 -6.50
N CYS A 1011 15.91 4.23 -6.60
CA CYS A 1011 16.22 5.09 -7.72
C CYS A 1011 15.78 6.47 -7.46
N HIS A 1012 16.57 7.45 -7.94
CA HIS A 1012 16.36 8.87 -7.64
C HIS A 1012 15.10 9.37 -8.33
N GLY A 1013 14.19 9.99 -7.58
CA GLY A 1013 13.08 10.75 -8.20
C GLY A 1013 12.05 11.04 -7.15
N SER A 1014 10.94 11.67 -7.51
CA SER A 1014 9.90 11.95 -6.52
C SER A 1014 8.54 11.98 -7.15
N LEU A 1015 7.56 11.58 -6.36
CA LEU A 1015 6.18 11.63 -6.77
C LEU A 1015 5.51 12.95 -6.44
N VAL A 1016 6.12 13.83 -5.66
CA VAL A 1016 5.35 15.00 -5.25
C VAL A 1016 5.28 16.10 -6.30
N MET A 1017 6.47 16.58 -6.68
CA MET A 1017 6.61 17.81 -7.44
C MET A 1017 5.41 18.08 -8.33
N GLN A 1018 4.83 19.25 -8.17
CA GLN A 1018 3.91 19.83 -9.17
C GLN A 1018 4.57 19.94 -10.57
N PRO A 1026 12.88 22.01 3.56
CA PRO A 1026 13.58 21.56 4.76
C PRO A 1026 14.55 20.39 4.51
N THR A 1027 14.30 19.64 3.42
CA THR A 1027 15.07 18.42 3.09
C THR A 1027 15.72 18.49 1.71
N GLN A 1028 16.76 17.67 1.53
CA GLN A 1028 17.57 17.66 0.33
C GLN A 1028 17.62 16.24 -0.28
N GLY A 1029 17.32 16.16 -1.57
CA GLY A 1029 17.44 14.90 -2.32
C GLY A 1029 16.19 14.05 -2.21
N SER A 1030 15.97 13.15 -3.16
CA SER A 1030 14.78 12.27 -3.12
C SER A 1030 15.10 10.88 -3.73
N VAL A 1031 15.20 9.88 -2.87
CA VAL A 1031 15.48 8.52 -3.34
C VAL A 1031 14.36 7.54 -3.00
N LEU A 1032 13.71 7.06 -4.05
CA LEU A 1032 12.59 6.18 -3.87
C LEU A 1032 13.07 4.72 -3.81
N PHE A 1033 12.31 3.87 -3.13
CA PHE A 1033 12.71 2.45 -3.06
C PHE A 1033 11.53 1.51 -2.97
N GLY A 1034 11.64 0.35 -3.65
CA GLY A 1034 10.54 -0.63 -3.68
C GLY A 1034 10.95 -1.95 -3.06
N THR A 1035 9.97 -2.65 -2.49
CA THR A 1035 10.27 -3.76 -1.61
C THR A 1035 9.56 -5.05 -1.98
N VAL A 1036 10.08 -6.19 -1.53
CA VAL A 1036 9.41 -7.48 -1.72
C VAL A 1036 7.95 -7.43 -1.33
N ASN A 1037 7.62 -6.66 -0.28
CA ASN A 1037 6.23 -6.58 0.19
C ASN A 1037 5.40 -5.55 -0.52
N GLY A 1038 5.94 -4.83 -1.47
CA GLY A 1038 5.12 -3.89 -2.16
C GLY A 1038 4.99 -2.59 -1.43
N MET A 1039 5.99 -2.30 -0.63
CA MET A 1039 6.04 -1.11 0.12
C MET A 1039 6.92 -0.18 -0.61
N ILE A 1040 6.53 1.07 -0.65
CA ILE A 1040 7.34 2.06 -1.28
C ILE A 1040 7.82 2.99 -0.26
N GLY A 1041 9.07 3.35 -0.36
CA GLY A 1041 9.64 4.15 0.67
C GLY A 1041 10.38 5.30 0.11
N LEU A 1042 10.78 6.17 0.98
CA LEU A 1042 11.57 7.32 0.50
C LEU A 1042 12.67 7.75 1.47
N VAL A 1043 13.84 8.05 0.92
CA VAL A 1043 14.95 8.59 1.67
C VAL A 1043 15.38 9.98 1.17
N THR A 1044 15.57 10.91 2.12
CA THR A 1044 16.11 12.27 1.91
C THR A 1044 17.26 12.53 2.89
N SER A 1045 17.89 13.69 2.73
CA SER A 1045 18.97 14.15 3.62
C SER A 1045 18.56 15.38 4.47
N LEU A 1046 19.33 15.62 5.54
CA LEU A 1046 18.95 16.63 6.51
C LEU A 1046 20.16 17.43 6.98
N SER A 1047 19.91 18.62 7.50
CA SER A 1047 20.94 19.41 8.22
C SER A 1047 21.07 18.87 9.63
N GLU A 1048 22.11 19.29 10.34
CA GLU A 1048 22.36 18.83 11.73
C GLU A 1048 21.23 19.29 12.67
N SER A 1049 20.70 20.46 12.41
CA SER A 1049 19.73 21.05 13.32
C SER A 1049 18.37 20.38 13.21
N TRP A 1050 17.93 20.19 11.96
CA TRP A 1050 16.74 19.40 11.72
C TRP A 1050 16.87 17.99 12.31
N TYR A 1051 17.92 17.29 11.93
CA TYR A 1051 18.18 15.99 12.49
C TYR A 1051 17.98 16.02 14.00
N ASN A 1052 18.68 16.95 14.66
CA ASN A 1052 18.63 17.04 16.13
C ASN A 1052 17.27 17.46 16.70
N LEU A 1053 16.61 18.45 16.08
CA LEU A 1053 15.25 18.77 16.42
C LEU A 1053 14.39 17.49 16.36
N LEU A 1054 14.58 16.76 15.26
CA LEU A 1054 13.81 15.56 14.98
C LEU A 1054 14.22 14.38 15.88
N LEU A 1055 15.52 14.24 16.11
CA LEU A 1055 16.00 13.18 16.96
C LEU A 1055 15.32 13.33 18.33
N ASP A 1056 15.33 14.60 18.77
CA ASP A 1056 14.81 15.04 20.07
C ASP A 1056 13.36 14.64 20.18
N MET A 1057 12.60 15.12 19.20
CA MET A 1057 11.16 14.91 19.15
C MET A 1057 10.75 13.42 19.11
N GLN A 1058 11.69 12.56 18.74
CA GLN A 1058 11.44 11.14 18.60
C GLN A 1058 11.47 10.45 19.93
N ASN A 1059 12.42 10.83 20.76
CA ASN A 1059 12.49 10.24 22.10
C ASN A 1059 11.32 10.75 22.90
N ARG A 1060 11.05 12.03 22.76
CA ARG A 1060 9.93 12.63 23.46
C ARG A 1060 8.67 11.88 23.12
N LEU A 1061 8.42 11.69 21.82
CA LEU A 1061 7.26 10.90 21.31
C LEU A 1061 7.20 9.48 21.80
N ASN A 1062 8.36 8.81 21.91
CA ASN A 1062 8.31 7.40 22.31
C ASN A 1062 7.62 7.24 23.62
N LYS A 1063 7.94 8.18 24.54
CA LYS A 1063 7.37 8.28 25.88
C LYS A 1063 5.89 8.53 25.80
N VAL A 1064 5.48 9.35 24.84
CA VAL A 1064 4.05 9.66 24.71
C VAL A 1064 3.22 8.53 24.09
N ILE A 1065 3.63 8.00 22.94
CA ILE A 1065 2.87 7.02 22.13
C ILE A 1065 2.77 5.61 22.75
N LYS A 1066 1.53 5.16 22.99
CA LYS A 1066 1.25 3.78 23.42
C LYS A 1066 1.52 2.84 22.26
N SER A 1067 2.22 1.74 22.54
CA SER A 1067 2.59 0.79 21.48
C SER A 1067 1.85 -0.54 21.63
N VAL A 1068 1.32 -1.04 20.52
CA VAL A 1068 0.62 -2.32 20.53
C VAL A 1068 1.55 -3.43 21.02
N GLY A 1069 1.16 -4.09 22.10
CA GLY A 1069 1.98 -5.12 22.69
C GLY A 1069 2.99 -4.53 23.64
N LYS A 1070 3.41 -3.30 23.36
CA LYS A 1070 4.37 -2.58 24.23
C LYS A 1070 5.78 -2.93 23.83
N ILE A 1071 6.07 -2.74 22.55
CA ILE A 1071 7.39 -3.05 22.02
C ILE A 1071 8.08 -1.71 21.93
N GLU A 1072 9.36 -1.67 22.21
CA GLU A 1072 10.08 -0.41 22.29
C GLU A 1072 10.53 0.02 20.91
N HIS A 1073 10.17 1.26 20.57
CA HIS A 1073 10.57 1.77 19.30
C HIS A 1073 12.09 1.71 19.07
N SER A 1074 12.90 1.93 20.10
CA SER A 1074 14.36 1.88 19.90
C SER A 1074 14.76 0.50 19.53
N PHE A 1075 14.07 -0.49 20.08
CA PHE A 1075 14.36 -1.87 19.77
C PHE A 1075 13.91 -2.24 18.36
N TRP A 1076 12.75 -1.75 17.97
CA TRP A 1076 12.35 -1.86 16.60
C TRP A 1076 13.50 -1.40 15.71
N ARG A 1077 13.85 -0.11 15.76
CA ARG A 1077 14.68 0.47 14.70
C ARG A 1077 16.15 0.12 14.74
N SER A 1078 16.56 -0.70 15.73
CA SER A 1078 17.96 -1.13 15.85
C SER A 1078 18.45 -1.99 14.69
N PHE A 1079 19.70 -1.78 14.32
CA PHE A 1079 20.38 -2.60 13.35
C PHE A 1079 20.49 -3.98 13.93
N HIS A 1080 20.13 -5.00 13.16
CA HIS A 1080 20.17 -6.39 13.63
C HIS A 1080 20.53 -7.38 12.52
N THR A 1081 21.62 -8.11 12.73
CA THR A 1081 22.00 -9.22 11.87
C THR A 1081 22.21 -10.36 12.81
N GLU A 1082 22.82 -11.42 12.31
CA GLU A 1082 23.26 -12.56 13.12
C GLU A 1082 24.44 -12.11 13.98
N ARG A 1083 25.34 -11.36 13.36
CA ARG A 1083 26.59 -10.97 13.99
C ARG A 1083 26.43 -9.92 15.09
N LYS A 1084 25.52 -8.96 14.92
CA LYS A 1084 25.51 -7.78 15.80
C LYS A 1084 24.16 -7.11 15.94
N THR A 1085 24.00 -6.35 17.02
CA THR A 1085 22.82 -5.51 17.23
C THR A 1085 23.22 -4.12 17.75
N GLU A 1086 22.80 -3.07 17.04
CA GLU A 1086 23.16 -1.68 17.38
C GLU A 1086 21.92 -0.81 17.36
N PRO A 1087 21.92 0.28 18.17
CA PRO A 1087 20.89 1.30 18.08
C PRO A 1087 21.00 2.00 16.74
N ALA A 1088 19.90 2.52 16.25
CA ALA A 1088 19.92 3.21 14.98
C ALA A 1088 20.76 4.50 15.07
N THR A 1089 21.49 4.85 14.02
CA THR A 1089 22.28 6.07 14.00
C THR A 1089 22.03 6.85 12.69
N GLY A 1090 22.16 8.17 12.75
CA GLY A 1090 21.97 9.01 11.58
C GLY A 1090 20.67 8.82 10.81
N PHE A 1091 19.64 8.26 11.45
CA PHE A 1091 18.38 8.00 10.76
C PHE A 1091 17.11 8.42 11.49
N ILE A 1092 16.23 9.10 10.75
CA ILE A 1092 14.88 9.44 11.21
C ILE A 1092 13.74 8.56 10.66
N ASP A 1093 12.92 8.05 11.59
CA ASP A 1093 11.81 7.22 11.25
C ASP A 1093 10.68 8.20 10.96
N GLY A 1094 10.63 8.73 9.75
CA GLY A 1094 9.62 9.72 9.37
C GLY A 1094 8.18 9.30 9.70
N ASP A 1095 7.92 7.99 9.72
CA ASP A 1095 6.59 7.48 9.99
C ASP A 1095 6.28 7.86 11.40
N LEU A 1096 7.26 7.67 12.27
CA LEU A 1096 7.14 8.02 13.67
C LEU A 1096 6.93 9.51 13.83
N ILE A 1097 7.85 10.30 13.27
CA ILE A 1097 7.71 11.76 13.32
C ILE A 1097 6.29 12.16 12.88
N GLU A 1098 5.85 11.68 11.71
CA GLU A 1098 4.53 12.03 11.20
C GLU A 1098 3.41 11.74 12.19
N SER A 1099 3.52 10.64 12.94
CA SER A 1099 2.40 10.22 13.79
C SER A 1099 2.17 11.16 14.98
N PHE A 1100 2.94 12.24 15.00
CA PHE A 1100 2.78 13.31 15.99
C PHE A 1100 1.46 14.06 15.83
N LEU A 1101 0.84 13.95 14.64
CA LEU A 1101 -0.34 14.76 14.32
C LEU A 1101 -1.56 14.04 14.76
N ASP A 1102 -1.41 12.76 15.13
CA ASP A 1102 -2.56 11.95 15.47
C ASP A 1102 -2.86 12.00 16.94
N ILE A 1103 -1.88 12.38 17.73
CA ILE A 1103 -2.02 12.39 19.19
C ILE A 1103 -2.83 13.58 19.69
N SER A 1104 -3.31 13.49 20.94
CA SER A 1104 -4.22 14.51 21.48
C SER A 1104 -3.47 15.77 21.92
N ARG A 1105 -4.19 16.90 21.96
CA ARG A 1105 -3.62 18.20 22.36
C ARG A 1105 -2.84 18.15 23.69
N PRO A 1106 -3.41 17.51 24.73
CA PRO A 1106 -2.64 17.23 25.96
C PRO A 1106 -1.30 16.55 25.66
N LYS A 1107 -1.34 15.45 24.91
CA LYS A 1107 -0.12 14.67 24.62
C LYS A 1107 0.91 15.40 23.71
N MET A 1108 0.42 16.25 22.81
CA MET A 1108 1.28 17.17 22.06
C MET A 1108 2.12 18.07 23.00
N GLN A 1109 1.43 18.84 23.85
CA GLN A 1109 2.10 19.74 24.81
C GLN A 1109 3.17 19.03 25.63
N GLU A 1110 2.84 17.79 26.05
CA GLU A 1110 3.72 16.90 26.81
C GLU A 1110 5.14 16.85 26.26
N VAL A 1111 5.24 16.98 24.93
CA VAL A 1111 6.55 16.99 24.27
C VAL A 1111 6.82 18.23 23.41
N VAL A 1112 6.88 19.40 24.03
CA VAL A 1112 7.34 20.63 23.33
C VAL A 1112 8.14 21.22 24.52
N ALA A 1113 7.61 21.09 25.74
CA ALA A 1113 8.25 21.62 26.96
C ALA A 1113 9.40 22.58 26.70
N ASN A 1114 10.50 22.05 26.16
CA ASN A 1114 11.73 22.82 25.84
C ASN A 1114 12.50 22.33 24.60
N ARG A 1125 15.47 30.94 19.73
CA ARG A 1125 14.65 29.73 19.69
C ARG A 1125 13.50 29.76 20.70
N GLU A 1126 12.47 28.96 20.42
CA GLU A 1126 11.27 28.89 21.25
C GLU A 1126 10.92 27.41 21.45
N ALA A 1127 9.65 27.14 21.73
CA ALA A 1127 9.14 25.77 21.85
C ALA A 1127 7.60 25.72 21.98
N THR A 1128 6.91 25.27 20.92
CA THR A 1128 5.42 25.29 20.84
C THR A 1128 4.83 24.13 20.00
N ALA A 1129 3.61 23.67 20.32
CA ALA A 1129 3.00 22.56 19.57
C ALA A 1129 2.51 23.00 18.20
N ASP A 1130 1.62 24.00 18.19
CA ASP A 1130 1.20 24.69 16.96
C ASP A 1130 2.41 24.89 16.02
N ASP A 1131 3.56 25.17 16.62
CA ASP A 1131 4.82 25.36 15.91
C ASP A 1131 5.33 24.04 15.32
N LEU A 1132 5.20 22.96 16.08
CA LEU A 1132 5.68 21.61 15.65
C LEU A 1132 4.88 21.01 14.53
N ILE A 1133 3.56 21.14 14.65
CA ILE A 1133 2.64 20.71 13.59
C ILE A 1133 2.87 21.49 12.26
N LYS A 1134 3.52 22.65 12.32
CA LYS A 1134 3.92 23.34 11.08
C LYS A 1134 5.02 22.55 10.41
N VAL A 1135 6.04 22.24 11.20
CA VAL A 1135 7.20 21.49 10.75
C VAL A 1135 6.84 20.08 10.25
N VAL A 1136 5.92 19.40 10.93
CA VAL A 1136 5.49 18.07 10.51
C VAL A 1136 4.59 18.11 9.25
N GLU A 1137 3.65 19.05 9.20
CA GLU A 1137 2.81 19.25 8.00
C GLU A 1137 3.70 19.52 6.80
N GLU A 1138 4.81 20.21 7.04
CA GLU A 1138 5.76 20.52 6.00
C GLU A 1138 6.59 19.31 5.56
N LEU A 1139 6.80 18.39 6.50
CA LEU A 1139 7.51 17.14 6.24
C LEU A 1139 6.63 16.12 5.50
N THR A 1140 5.33 16.15 5.77
CA THR A 1140 4.40 15.21 5.17
C THR A 1140 4.31 15.29 3.66
N ARG A 1141 4.71 16.43 3.09
CA ARG A 1141 4.49 16.72 1.69
C ARG A 1141 5.77 16.46 0.89
N ILE A 1142 6.67 15.72 1.53
CA ILE A 1142 7.88 15.19 0.90
C ILE A 1142 7.46 14.01 -0.01
N HIS A 1143 6.36 13.36 0.36
CA HIS A 1143 5.81 12.26 -0.38
C HIS A 1143 4.30 12.47 -0.42
N SER B 1 23.33 -23.16 -10.14
CA SER B 1 22.71 -21.93 -10.61
C SER B 1 22.46 -21.02 -9.42
N ILE B 2 23.49 -20.23 -9.09
CA ILE B 2 23.36 -19.15 -8.13
C ILE B 2 22.37 -18.09 -8.66
N VAL B 3 22.50 -17.74 -9.93
CA VAL B 3 21.53 -16.89 -10.60
C VAL B 3 20.10 -17.13 -10.14
N ARG B 4 19.68 -18.40 -10.06
CA ARG B 4 18.32 -18.75 -9.63
C ARG B 4 18.13 -18.35 -8.20
N THR B 5 18.76 -19.12 -7.31
CA THR B 5 18.80 -18.85 -5.87
C THR B 5 18.82 -17.36 -5.59
N LEU B 6 19.63 -16.65 -6.37
CA LEU B 6 19.72 -15.22 -6.26
C LEU B 6 18.35 -14.64 -6.53
N HIS B 7 17.94 -14.58 -7.78
CA HIS B 7 16.64 -14.01 -8.10
C HIS B 7 15.51 -14.37 -7.08
N GLN B 8 15.56 -15.57 -6.51
CA GLN B 8 14.49 -16.01 -5.64
C GLN B 8 14.30 -15.07 -4.47
N HIS B 9 15.43 -14.71 -3.88
CA HIS B 9 15.53 -13.66 -2.89
C HIS B 9 14.74 -12.40 -3.27
N LYS B 10 14.80 -12.02 -4.56
CA LYS B 10 14.19 -10.75 -5.02
C LYS B 10 12.69 -10.90 -4.85
N LEU B 11 12.22 -12.14 -5.06
CA LEU B 11 10.81 -12.54 -4.81
C LEU B 11 10.57 -12.92 -3.35
N GLY B 12 11.61 -12.82 -2.52
CA GLY B 12 11.48 -13.11 -1.11
C GLY B 12 11.34 -14.59 -0.83
N ARG B 13 12.34 -15.37 -1.24
CA ARG B 13 12.36 -16.83 -1.07
C ARG B 13 13.72 -17.41 -0.66
N ALA B 14 13.72 -18.72 -0.35
CA ALA B 14 14.87 -19.42 0.25
C ALA B 14 16.23 -19.18 -0.43
#